data_4LQG
#
_entry.id   4LQG
#
_cell.length_a   101.900
_cell.length_b   130.233
_cell.length_c   158.252
_cell.angle_alpha   90.00
_cell.angle_beta   90.00
_cell.angle_gamma   90.00
#
_symmetry.space_group_name_H-M   'I 2 2 2'
#
loop_
_entity.id
_entity.type
_entity.pdbx_description
1 polymer 'Glutamate carboxypeptidase 2'
2 branched 2-acetamido-2-deoxy-beta-D-glucopyranose-(1-4)-2-acetamido-2-deoxy-beta-D-glucopyranose
3 branched 2-acetamido-2-deoxy-beta-D-glucopyranose-(1-4)-[alpha-L-fucopyranose-(1-6)]2-acetamido-2-deoxy-beta-D-glucopyranose
4 branched beta-D-mannopyranose-(1-4)-2-acetamido-2-deoxy-beta-D-glucopyranose-(1-4)-2-acetamido-2-deoxy-beta-D-glucopyranose
5 branched alpha-D-mannopyranose-(1-3)-[alpha-D-mannopyranose-(1-6)]beta-D-mannopyranose-(1-4)-2-acetamido-2-deoxy-beta-D-glucopyranose-(1-4)-2-acetamido-2-deoxy-beta-D-glucopyranose
6 non-polymer 'ZINC ION'
7 non-polymer 'CALCIUM ION'
8 non-polymer 'CHLORIDE ION'
9 non-polymer 2-acetamido-2-deoxy-beta-D-glucopyranose
10 non-polymer N-(4-fluorobenzoyl)-L-gamma-glutamyl-5-{[(S)-{[(1S)-1,3-dicarboxypropyl]amino}(hydroxy)phosphoryl]oxy}-L-norvaline
11 water water
#
_entity_poly.entity_id   1
_entity_poly.type   'polypeptide(L)'
_entity_poly.pdbx_seq_one_letter_code
;RSKSSNEATNITPKHNMKAFLDELKAENIKKFLYNFTQIPHLAGTEQNFQLAKQIQSQWKEFGLDSVELAHYDVLLSYPN
KTHPNYISIINEDGNEIFNTSLFEPPPPGYENVSDIVPPFSAFSPQGMPEGDLVYVNYARTEDFFKLERDMKINCSGKIV
IARYGKVFRGNKVKNAQLAGAKGVILYSDPADYFAPGVKSYPDGWNLPGGGVQRGNILNLNGAGDPLTPGYPANEYAYRR
GIAEAVGLPSIPVHPIGYYDAQKLLEKMGGSAPPDSSWRGSLKVPYNVGPGFTGNFSTQKVKMHIHSTNEVTRIYNVIGT
LRGAVEPDRYVILGGHRDSWVFGGIDPQSGAAVVHEIVRSFGTLKKEGWRPRRTILFASWDAEEFGLLGSTEWAEENSRL
LQERGVAYINADSSIEGNYTLRVDCTPLMYSLVHNLTKELKSPDEGFEGKSLYESWTKKSPSPEFSGMPRISKLGSGNDF
EVFFQRLGIASGRARYTKNWETNKFSGYPLYHSVYETYELVEKFYDPMFKYHLTVAQVRGGMVFELANSIVLPFDCRDYA
VVLRKYADKIYSISMKHPQEMKTYSVSFDSLFSAVKNFTEIASKFSERLQDFDKSNPIVLRMMNDQLMFLERAFIDPLGL
PDRPFYRHVIYAPSSHNKYAGESFPGIYDALFDIESKVDPSKAWGEVKRQIYVAAFTVQAAAETLSEVA
;
_entity_poly.pdbx_strand_id   A
#
loop_
_chem_comp.id
_chem_comp.type
_chem_comp.name
_chem_comp.formula
BMA D-saccharide, beta linking beta-D-mannopyranose 'C6 H12 O6'
CA non-polymer 'CALCIUM ION' 'Ca 2'
CL non-polymer 'CHLORIDE ION' 'Cl -1'
CTW peptide-like N-(4-fluorobenzoyl)-L-gamma-glutamyl-5-{[(S)-{[(1S)-1,3-dicarboxypropyl]amino}(hydroxy)phosphoryl]oxy}-L-norvaline 'C22 H29 F N3 O13 P'
FUC L-saccharide, alpha linking alpha-L-fucopyranose 'C6 H12 O5'
MAN D-saccharide, alpha linking alpha-D-mannopyranose 'C6 H12 O6'
NAG D-saccharide, beta linking 2-acetamido-2-deoxy-beta-D-glucopyranose 'C8 H15 N O6'
ZN non-polymer 'ZINC ION' 'Zn 2'
#
# COMPACT_ATOMS: atom_id res chain seq x y z
N LYS A 14 -28.35 18.72 -16.69
CA LYS A 14 -26.96 18.63 -17.24
C LYS A 14 -26.20 17.39 -16.79
N HIS A 15 -25.37 16.88 -17.70
CA HIS A 15 -24.45 15.79 -17.34
C HIS A 15 -23.07 16.41 -17.13
N ASN A 16 -22.78 16.67 -15.87
CA ASN A 16 -21.55 17.33 -15.44
C ASN A 16 -21.15 16.65 -14.15
N MET A 17 -20.07 17.15 -13.53
CA MET A 17 -19.59 16.44 -12.36
C MET A 17 -20.67 16.48 -11.26
N LYS A 18 -21.38 17.59 -11.14
CA LYS A 18 -22.38 17.71 -10.09
C LYS A 18 -23.47 16.63 -10.20
N ALA A 19 -23.89 16.31 -11.43
CA ALA A 19 -24.89 15.24 -11.65
C ALA A 19 -24.34 13.90 -11.16
N PHE A 20 -23.09 13.64 -11.54
CA PHE A 20 -22.43 12.40 -11.14
C PHE A 20 -22.39 12.30 -9.61
N LEU A 21 -21.90 13.36 -8.98
CA LEU A 21 -21.76 13.39 -7.53
C LEU A 21 -23.10 13.27 -6.81
N ASP A 22 -24.11 13.99 -7.28
CA ASP A 22 -25.40 13.97 -6.55
C ASP A 22 -26.05 12.59 -6.58
N GLU A 23 -25.75 11.80 -7.59
CA GLU A 23 -26.36 10.49 -7.77
C GLU A 23 -25.80 9.49 -6.76
N LEU A 24 -24.56 9.70 -6.29
CA LEU A 24 -23.99 8.86 -5.20
C LEU A 24 -24.82 8.96 -3.90
N LYS A 25 -25.15 7.80 -3.33
CA LYS A 25 -25.94 7.70 -2.09
C LYS A 25 -25.24 6.91 -0.97
N ALA A 26 -25.20 7.51 0.21
CA ALA A 26 -24.70 6.84 1.41
C ALA A 26 -25.42 5.51 1.64
N GLU A 27 -26.74 5.48 1.46
N GLU A 27 -26.74 5.52 1.43
CA GLU A 27 -27.52 4.25 1.73
CA GLU A 27 -27.65 4.37 1.62
C GLU A 27 -27.13 3.12 0.78
C GLU A 27 -27.23 3.18 0.76
N ASN A 28 -26.79 3.47 -0.46
CA ASN A 28 -26.32 2.42 -1.41
C ASN A 28 -25.02 1.82 -0.99
N ILE A 29 -24.09 2.69 -0.62
CA ILE A 29 -22.79 2.22 -0.19
C ILE A 29 -22.99 1.30 1.02
N LYS A 30 -23.91 1.68 1.93
CA LYS A 30 -24.19 0.86 3.13
C LYS A 30 -24.70 -0.54 2.73
N LYS A 31 -25.69 -0.57 1.84
CA LYS A 31 -26.25 -1.82 1.31
C LYS A 31 -25.17 -2.72 0.65
N PHE A 32 -24.27 -2.10 -0.11
CA PHE A 32 -23.25 -2.86 -0.80
C PHE A 32 -22.27 -3.39 0.22
N LEU A 33 -21.90 -2.58 1.21
CA LEU A 33 -20.95 -3.07 2.20
C LEU A 33 -21.49 -4.29 2.98
N TYR A 34 -22.76 -4.22 3.39
CA TYR A 34 -23.44 -5.32 4.04
C TYR A 34 -23.39 -6.56 3.12
N ASN A 35 -23.76 -6.35 1.87
CA ASN A 35 -23.79 -7.43 0.89
C ASN A 35 -22.42 -8.13 0.66
N PHE A 36 -21.34 -7.36 0.81
CA PHE A 36 -20.01 -7.89 0.52
C PHE A 36 -19.30 -8.50 1.71
N THR A 37 -19.91 -8.46 2.90
CA THR A 37 -19.17 -8.78 4.11
C THR A 37 -19.84 -9.86 4.98
N GLN A 38 -20.80 -10.57 4.39
N GLN A 38 -20.84 -10.56 4.44
CA GLN A 38 -21.57 -11.61 5.13
CA GLN A 38 -21.53 -11.59 5.23
C GLN A 38 -20.80 -12.91 5.30
C GLN A 38 -20.73 -12.87 5.37
N ILE A 39 -19.89 -13.17 4.37
CA ILE A 39 -19.06 -14.39 4.42
C ILE A 39 -17.65 -14.03 4.01
N PRO A 40 -16.66 -14.88 4.36
CA PRO A 40 -15.29 -14.52 3.92
C PRO A 40 -15.12 -14.61 2.42
N HIS A 41 -14.21 -13.80 1.87
CA HIS A 41 -13.92 -13.82 0.42
C HIS A 41 -12.42 -13.92 0.22
N LEU A 42 -11.85 -14.99 0.76
CA LEU A 42 -10.38 -15.20 0.69
C LEU A 42 -9.98 -15.48 -0.78
N ALA A 43 -8.87 -14.87 -1.22
CA ALA A 43 -8.39 -15.11 -2.60
C ALA A 43 -8.26 -16.60 -2.88
N GLY A 44 -8.71 -16.97 -4.08
CA GLY A 44 -8.59 -18.34 -4.57
C GLY A 44 -9.65 -19.30 -4.06
N THR A 45 -10.62 -18.83 -3.28
CA THR A 45 -11.71 -19.67 -2.82
C THR A 45 -12.97 -19.49 -3.67
N GLU A 46 -13.85 -20.50 -3.62
CA GLU A 46 -15.07 -20.47 -4.40
C GLU A 46 -15.95 -19.23 -4.08
N GLN A 47 -16.03 -18.84 -2.79
CA GLN A 47 -16.82 -17.68 -2.38
C GLN A 47 -16.34 -16.39 -3.06
N ASN A 48 -15.04 -16.25 -3.25
N ASN A 48 -15.03 -16.26 -3.21
CA ASN A 48 -14.55 -15.04 -3.90
CA ASN A 48 -14.40 -15.12 -3.89
C ASN A 48 -14.69 -15.07 -5.44
C ASN A 48 -14.78 -15.09 -5.38
N PHE A 49 -14.75 -16.27 -6.01
CA PHE A 49 -15.10 -16.43 -7.43
C PHE A 49 -16.57 -16.09 -7.60
N GLN A 50 -17.41 -16.57 -6.68
N GLN A 50 -17.38 -16.60 -6.67
CA GLN A 50 -18.83 -16.21 -6.76
CA GLN A 50 -18.81 -16.28 -6.60
C GLN A 50 -19.07 -14.71 -6.60
C GLN A 50 -19.07 -14.78 -6.54
N LEU A 51 -18.35 -14.07 -5.67
CA LEU A 51 -18.48 -12.62 -5.56
C LEU A 51 -18.05 -11.91 -6.86
N ALA A 52 -16.93 -12.36 -7.46
CA ALA A 52 -16.50 -11.81 -8.77
C ALA A 52 -17.62 -11.87 -9.81
N LYS A 53 -18.29 -13.03 -9.91
CA LYS A 53 -19.35 -13.17 -10.90
C LYS A 53 -20.54 -12.25 -10.58
N GLN A 54 -20.83 -12.08 -9.28
CA GLN A 54 -21.91 -11.16 -8.87
C GLN A 54 -21.56 -9.75 -9.32
N ILE A 55 -20.34 -9.30 -9.03
CA ILE A 55 -19.91 -7.93 -9.36
C ILE A 55 -19.93 -7.73 -10.88
N GLN A 56 -19.46 -8.74 -11.61
CA GLN A 56 -19.49 -8.69 -13.06
C GLN A 56 -20.93 -8.47 -13.56
N SER A 57 -21.86 -9.29 -13.06
CA SER A 57 -23.28 -9.15 -13.44
C SER A 57 -23.84 -7.77 -13.10
N GLN A 58 -23.55 -7.29 -11.90
CA GLN A 58 -24.13 -6.01 -11.49
C GLN A 58 -23.53 -4.86 -12.27
N TRP A 59 -22.22 -4.89 -12.53
CA TRP A 59 -21.61 -3.83 -13.33
C TRP A 59 -22.23 -3.77 -14.73
N LYS A 60 -22.55 -4.93 -15.28
CA LYS A 60 -23.28 -4.98 -16.58
C LYS A 60 -24.65 -4.33 -16.45
N GLU A 61 -25.43 -4.72 -15.43
N GLU A 61 -25.41 -4.77 -15.43
CA GLU A 61 -26.77 -4.12 -15.22
CA GLU A 61 -26.75 -4.20 -15.11
C GLU A 61 -26.66 -2.62 -14.95
C GLU A 61 -26.64 -2.67 -14.97
N PHE A 62 -25.57 -2.21 -14.29
CA PHE A 62 -25.34 -0.79 -14.01
C PHE A 62 -25.12 0.05 -15.30
N GLY A 63 -24.74 -0.63 -16.37
CA GLY A 63 -24.65 -0.01 -17.70
C GLY A 63 -23.27 0.04 -18.35
N LEU A 64 -22.26 -0.58 -17.74
CA LEU A 64 -20.92 -0.59 -18.37
C LEU A 64 -21.00 -1.24 -19.77
N ASP A 65 -20.14 -0.81 -20.69
CA ASP A 65 -20.14 -1.36 -22.05
C ASP A 65 -19.69 -2.80 -22.14
N SER A 66 -18.70 -3.17 -21.34
CA SER A 66 -18.22 -4.52 -21.30
C SER A 66 -17.78 -4.78 -19.87
N VAL A 67 -18.00 -6.01 -19.40
CA VAL A 67 -17.48 -6.40 -18.10
C VAL A 67 -16.99 -7.85 -18.23
N GLU A 68 -15.68 -8.03 -18.10
CA GLU A 68 -15.08 -9.38 -18.19
C GLU A 68 -14.34 -9.82 -16.93
N LEU A 69 -14.19 -11.13 -16.76
CA LEU A 69 -13.24 -11.63 -15.77
C LEU A 69 -11.89 -11.86 -16.46
N ALA A 70 -10.81 -11.48 -15.80
CA ALA A 70 -9.47 -11.79 -16.30
C ALA A 70 -8.88 -12.71 -15.22
N HIS A 71 -8.64 -13.97 -15.56
CA HIS A 71 -8.12 -14.91 -14.55
C HIS A 71 -6.64 -15.26 -14.76
N TYR A 72 -5.97 -15.64 -13.69
CA TYR A 72 -4.55 -16.03 -13.68
C TYR A 72 -4.43 -17.16 -12.68
N ASP A 73 -3.36 -17.94 -12.80
CA ASP A 73 -3.06 -19.05 -11.86
C ASP A 73 -1.77 -18.68 -11.17
N VAL A 74 -1.89 -18.30 -9.88
CA VAL A 74 -0.78 -17.67 -9.16
C VAL A 74 -0.51 -18.44 -7.90
N LEU A 75 0.69 -18.25 -7.37
CA LEU A 75 1.06 -18.93 -6.13
C LEU A 75 0.34 -18.28 -4.95
N LEU A 76 -0.49 -19.06 -4.24
CA LEU A 76 -1.15 -18.61 -2.99
C LEU A 76 -0.66 -19.51 -1.84
N SER A 77 -1.16 -19.27 -0.63
CA SER A 77 -0.66 -19.98 0.55
C SER A 77 -1.84 -20.17 1.50
N TYR A 78 -2.01 -21.37 2.03
CA TYR A 78 -3.09 -21.64 2.97
C TYR A 78 -2.64 -22.57 4.10
N PRO A 79 -3.22 -22.42 5.27
CA PRO A 79 -2.94 -23.42 6.33
C PRO A 79 -3.49 -24.80 5.91
N ASN A 80 -2.94 -25.84 6.52
CA ASN A 80 -3.47 -27.17 6.33
C ASN A 80 -4.62 -27.37 7.33
N LYS A 81 -5.83 -27.57 6.79
CA LYS A 81 -7.05 -27.76 7.61
C LYS A 81 -6.94 -28.86 8.65
N THR A 82 -6.18 -29.90 8.34
CA THR A 82 -6.11 -31.02 9.29
C THR A 82 -4.76 -31.17 10.04
N HIS A 83 -3.93 -30.13 9.98
CA HIS A 83 -2.65 -30.11 10.66
C HIS A 83 -2.41 -28.64 11.04
N PRO A 84 -3.04 -28.16 12.12
CA PRO A 84 -3.04 -26.70 12.43
C PRO A 84 -1.69 -26.12 12.82
N ASN A 85 -1.50 -24.84 12.49
CA ASN A 85 -0.31 -24.09 12.90
C ASN A 85 -0.47 -23.68 14.35
N TYR A 86 0.60 -23.80 15.13
CA TYR A 86 0.58 -23.26 16.50
C TYR A 86 2.00 -23.11 17.04
N ILE A 87 2.11 -22.46 18.21
CA ILE A 87 3.38 -22.26 18.86
C ILE A 87 3.29 -22.82 20.27
N SER A 88 4.37 -23.45 20.72
CA SER A 88 4.44 -23.98 22.08
C SER A 88 5.61 -23.44 22.88
N ILE A 89 5.45 -23.41 24.21
CA ILE A 89 6.59 -23.47 25.09
C ILE A 89 6.73 -24.95 25.41
N ILE A 90 7.92 -25.47 25.20
N ILE A 90 7.94 -25.45 25.26
CA ILE A 90 8.17 -26.85 25.54
CA ILE A 90 8.22 -26.87 25.45
C ILE A 90 9.13 -26.92 26.71
C ILE A 90 9.24 -27.05 26.58
N ASN A 91 8.95 -27.94 27.54
CA ASN A 91 9.92 -28.20 28.61
C ASN A 91 11.04 -29.16 28.17
N GLU A 92 11.95 -29.46 29.09
CA GLU A 92 13.12 -30.30 28.83
C GLU A 92 12.79 -31.74 28.38
N ASP A 93 11.65 -32.25 28.84
CA ASP A 93 11.17 -33.57 28.44
C ASP A 93 10.48 -33.53 27.09
N GLY A 94 10.32 -32.33 26.52
CA GLY A 94 9.60 -32.20 25.27
C GLY A 94 8.10 -32.18 25.46
N ASN A 95 7.62 -31.89 26.67
CA ASN A 95 6.20 -31.66 26.89
C ASN A 95 5.84 -30.22 26.53
N GLU A 96 4.82 -30.06 25.70
CA GLU A 96 4.33 -28.72 25.29
C GLU A 96 3.42 -28.22 26.39
N ILE A 97 3.97 -27.34 27.22
CA ILE A 97 3.25 -26.89 28.41
C ILE A 97 2.33 -25.69 28.19
N PHE A 98 2.46 -25.07 27.03
CA PHE A 98 1.59 -23.96 26.65
C PHE A 98 1.49 -23.97 25.15
N ASN A 99 0.28 -23.80 24.63
CA ASN A 99 0.06 -23.74 23.18
C ASN A 99 -0.71 -22.50 22.84
N THR A 100 -0.31 -21.86 21.73
CA THR A 100 -1.06 -20.69 21.28
C THR A 100 -2.38 -21.15 20.68
N SER A 101 -3.29 -20.20 20.51
CA SER A 101 -4.65 -20.51 20.04
C SER A 101 -4.68 -21.02 18.60
N LEU A 102 -5.66 -21.84 18.27
CA LEU A 102 -5.82 -22.38 16.92
C LEU A 102 -6.77 -21.52 16.08
N PHE A 103 -7.47 -20.56 16.71
CA PHE A 103 -8.43 -19.67 16.01
C PHE A 103 -8.82 -18.49 16.92
N GLU A 104 -9.34 -17.44 16.30
CA GLU A 104 -9.85 -16.33 17.08
C GLU A 104 -11.27 -16.68 17.48
N PRO A 105 -11.63 -16.44 18.75
CA PRO A 105 -13.04 -16.60 19.15
C PRO A 105 -13.94 -15.77 18.21
N PRO A 106 -14.89 -16.42 17.52
CA PRO A 106 -15.65 -15.61 16.57
C PRO A 106 -16.60 -14.61 17.26
N PRO A 107 -16.87 -13.49 16.57
CA PRO A 107 -17.69 -12.42 17.17
C PRO A 107 -19.17 -12.80 17.23
N PRO A 108 -19.99 -12.05 18.00
CA PRO A 108 -21.41 -12.42 18.17
C PRO A 108 -22.15 -12.64 16.85
N GLY A 109 -22.83 -13.78 16.72
CA GLY A 109 -23.62 -14.00 15.53
C GLY A 109 -22.87 -14.67 14.38
N TYR A 110 -21.53 -14.77 14.49
CA TYR A 110 -20.66 -15.36 13.46
C TYR A 110 -20.03 -16.64 13.93
N GLU A 111 -20.45 -17.13 15.09
CA GLU A 111 -19.85 -18.31 15.70
C GLU A 111 -20.12 -19.59 14.85
N ASN A 112 -21.08 -19.54 13.94
CA ASN A 112 -21.36 -20.68 13.05
C ASN A 112 -20.93 -20.45 11.60
N VAL A 113 -20.21 -19.37 11.36
CA VAL A 113 -19.78 -19.07 9.98
C VAL A 113 -18.62 -20.02 9.60
N SER A 114 -18.76 -20.71 8.46
CA SER A 114 -17.70 -21.60 7.97
C SER A 114 -16.60 -20.85 7.25
N ASP A 115 -15.48 -21.55 7.05
CA ASP A 115 -14.46 -21.08 6.12
C ASP A 115 -13.79 -19.79 6.59
N ILE A 116 -13.72 -19.58 7.91
CA ILE A 116 -12.88 -18.49 8.42
C ILE A 116 -11.46 -19.01 8.50
N VAL A 117 -10.58 -18.48 7.66
CA VAL A 117 -9.20 -18.97 7.69
C VAL A 117 -8.57 -18.63 9.05
N PRO A 118 -7.93 -19.62 9.70
CA PRO A 118 -7.32 -19.31 11.01
C PRO A 118 -6.12 -18.40 10.81
N PRO A 119 -5.71 -17.67 11.86
CA PRO A 119 -4.58 -16.77 11.65
C PRO A 119 -3.34 -17.53 11.16
N PHE A 120 -2.66 -16.95 10.20
CA PHE A 120 -1.38 -17.52 9.70
C PHE A 120 -0.65 -16.45 8.95
N SER A 121 0.63 -16.69 8.73
CA SER A 121 1.43 -15.80 7.89
C SER A 121 1.54 -16.40 6.51
N ALA A 122 0.91 -15.77 5.52
CA ALA A 122 0.87 -16.35 4.20
C ALA A 122 2.26 -16.38 3.60
N PHE A 123 2.56 -17.55 3.06
CA PHE A 123 3.80 -17.90 2.39
C PHE A 123 4.92 -18.34 3.33
N SER A 124 4.65 -18.44 4.62
CA SER A 124 5.61 -19.10 5.49
C SER A 124 5.99 -20.51 4.97
N PRO A 125 7.30 -20.83 4.97
CA PRO A 125 7.61 -22.23 4.74
C PRO A 125 7.17 -23.09 5.92
N GLN A 126 7.15 -24.41 5.70
CA GLN A 126 6.84 -25.34 6.77
C GLN A 126 8.06 -25.52 7.64
N GLY A 127 7.83 -25.83 8.91
CA GLY A 127 8.93 -26.23 9.77
C GLY A 127 8.43 -26.35 11.18
N MET A 128 9.27 -26.93 12.04
CA MET A 128 9.00 -27.06 13.47
C MET A 128 10.25 -26.66 14.27
N PRO A 129 10.78 -25.47 14.01
CA PRO A 129 11.99 -25.07 14.75
C PRO A 129 11.72 -24.86 16.24
N GLU A 130 12.73 -25.20 17.04
CA GLU A 130 12.67 -25.13 18.46
C GLU A 130 13.89 -24.36 18.92
N GLY A 131 13.74 -23.37 19.79
CA GLY A 131 14.90 -22.62 20.21
C GLY A 131 14.59 -21.58 21.27
N ASP A 132 15.54 -20.67 21.48
CA ASP A 132 15.39 -19.61 22.48
C ASP A 132 14.89 -18.35 21.81
N LEU A 133 14.03 -17.62 22.51
CA LEU A 133 13.45 -16.39 21.97
C LEU A 133 14.39 -15.19 22.12
N VAL A 134 14.37 -14.32 21.10
CA VAL A 134 14.91 -12.97 21.22
C VAL A 134 13.79 -12.00 20.88
N TYR A 135 13.57 -11.00 21.72
CA TYR A 135 12.61 -9.95 21.40
C TYR A 135 13.28 -8.79 20.68
N VAL A 136 12.73 -8.39 19.53
CA VAL A 136 13.40 -7.50 18.58
C VAL A 136 12.59 -6.23 18.32
N ASN A 137 11.68 -5.92 19.24
CA ASN A 137 10.85 -4.72 19.14
C ASN A 137 10.02 -4.84 17.85
N TYR A 138 10.08 -3.83 16.98
CA TYR A 138 9.34 -3.89 15.72
C TYR A 138 10.07 -4.60 14.59
N ALA A 139 11.24 -5.17 14.87
CA ALA A 139 12.02 -5.87 13.84
C ALA A 139 12.39 -4.95 12.65
N ARG A 140 12.48 -3.65 12.94
CA ARG A 140 12.92 -2.68 11.92
C ARG A 140 14.45 -2.74 11.74
N THR A 141 14.94 -2.21 10.62
CA THR A 141 16.37 -2.11 10.41
C THR A 141 17.08 -1.52 11.63
N GLU A 142 16.58 -0.41 12.17
CA GLU A 142 17.24 0.22 13.32
C GLU A 142 17.13 -0.61 14.60
N ASP A 143 16.09 -1.44 14.71
CA ASP A 143 15.99 -2.32 15.89
C ASP A 143 17.09 -3.39 15.84
N PHE A 144 17.33 -3.96 14.66
CA PHE A 144 18.43 -4.95 14.52
C PHE A 144 19.82 -4.33 14.63
N PHE A 145 20.01 -3.11 14.11
CA PHE A 145 21.25 -2.35 14.38
C PHE A 145 21.51 -2.28 15.88
N LYS A 146 20.49 -1.88 16.65
CA LYS A 146 20.59 -1.72 18.10
C LYS A 146 20.98 -3.04 18.77
N LEU A 147 20.33 -4.15 18.37
CA LEU A 147 20.65 -5.47 18.92
C LEU A 147 22.09 -5.88 18.65
N GLU A 148 22.46 -5.79 17.39
N GLU A 148 22.48 -5.90 17.37
CA GLU A 148 23.71 -6.35 16.90
CA GLU A 148 23.82 -6.37 17.00
C GLU A 148 24.93 -5.46 17.18
C GLU A 148 24.89 -5.38 17.44
N ARG A 149 24.79 -4.15 16.94
CA ARG A 149 25.89 -3.18 17.08
C ARG A 149 26.05 -2.64 18.48
N ASP A 150 24.93 -2.34 19.15
CA ASP A 150 24.98 -1.71 20.46
C ASP A 150 24.85 -2.69 21.60
N MET A 151 23.96 -3.65 21.48
CA MET A 151 23.69 -4.54 22.60
C MET A 151 24.51 -5.82 22.49
N LYS A 152 25.09 -6.06 21.32
CA LYS A 152 25.93 -7.25 21.08
C LYS A 152 25.13 -8.52 21.26
N ILE A 153 23.87 -8.50 20.81
CA ILE A 153 22.99 -9.68 20.91
C ILE A 153 22.92 -10.37 19.55
N ASN A 154 23.16 -11.66 19.55
CA ASN A 154 23.26 -12.38 18.30
C ASN A 154 21.95 -13.16 18.05
N CYS A 155 21.24 -12.84 16.95
CA CYS A 155 19.96 -13.51 16.67
C CYS A 155 20.12 -14.83 15.96
N SER A 156 21.37 -15.19 15.65
CA SER A 156 21.62 -16.34 14.81
C SER A 156 21.16 -17.63 15.47
N GLY A 157 20.24 -18.35 14.81
CA GLY A 157 19.75 -19.60 15.41
C GLY A 157 18.68 -19.43 16.48
N LYS A 158 18.20 -18.21 16.72
CA LYS A 158 17.17 -17.92 17.73
C LYS A 158 15.81 -17.78 17.06
N ILE A 159 14.73 -17.96 17.80
CA ILE A 159 13.42 -17.57 17.27
C ILE A 159 13.19 -16.14 17.68
N VAL A 160 12.83 -15.28 16.74
CA VAL A 160 12.67 -13.89 17.10
C VAL A 160 11.17 -13.64 17.33
N ILE A 161 10.85 -12.85 18.33
CA ILE A 161 9.46 -12.39 18.47
C ILE A 161 9.43 -10.86 18.28
N ALA A 162 8.52 -10.38 17.41
CA ALA A 162 8.47 -8.97 17.06
C ALA A 162 7.04 -8.50 17.18
N ARG A 163 6.88 -7.26 17.61
CA ARG A 163 5.55 -6.68 17.57
C ARG A 163 5.25 -6.11 16.20
N TYR A 164 4.01 -6.29 15.80
CA TYR A 164 3.51 -5.69 14.59
C TYR A 164 3.54 -4.18 14.79
N GLY A 165 3.62 -3.44 13.68
CA GLY A 165 3.49 -1.96 13.73
C GLY A 165 4.67 -1.35 13.02
N LYS A 166 4.54 -0.06 12.67
CA LYS A 166 5.63 0.80 12.12
C LYS A 166 6.02 0.50 10.68
N VAL A 167 6.16 -0.79 10.36
CA VAL A 167 6.60 -1.12 9.01
C VAL A 167 5.89 -2.37 8.51
N PHE A 168 5.94 -2.58 7.20
CA PHE A 168 5.33 -3.74 6.59
C PHE A 168 5.92 -5.03 7.15
N ARG A 169 5.05 -6.02 7.41
CA ARG A 169 5.54 -7.22 8.12
C ARG A 169 6.53 -8.05 7.26
N GLY A 170 6.45 -7.94 5.95
CA GLY A 170 7.44 -8.60 5.09
C GLY A 170 8.88 -8.09 5.36
N ASN A 171 9.02 -6.77 5.55
CA ASN A 171 10.34 -6.21 5.90
C ASN A 171 10.88 -6.73 7.22
N LYS A 172 9.98 -6.92 8.20
CA LYS A 172 10.37 -7.51 9.48
C LYS A 172 10.97 -8.89 9.29
N VAL A 173 10.30 -9.70 8.44
CA VAL A 173 10.73 -11.07 8.25
C VAL A 173 12.10 -11.11 7.51
N LYS A 174 12.24 -10.24 6.51
N LYS A 174 12.25 -10.25 6.50
CA LYS A 174 13.49 -10.13 5.76
CA LYS A 174 13.52 -10.19 5.79
C LYS A 174 14.61 -9.76 6.72
C LYS A 174 14.64 -9.74 6.72
N ASN A 175 14.33 -8.80 7.61
CA ASN A 175 15.32 -8.34 8.60
C ASN A 175 15.69 -9.45 9.57
N ALA A 176 14.69 -10.22 10.00
CA ALA A 176 14.96 -11.31 10.98
C ALA A 176 15.79 -12.38 10.26
N GLN A 177 15.44 -12.66 9.00
CA GLN A 177 16.16 -13.67 8.20
C GLN A 177 17.65 -13.28 8.04
N LEU A 178 17.89 -12.02 7.65
CA LEU A 178 19.27 -11.51 7.54
C LEU A 178 20.05 -11.49 8.87
N ALA A 179 19.34 -11.42 9.99
CA ALA A 179 19.98 -11.54 11.30
C ALA A 179 20.28 -12.99 11.69
N GLY A 180 19.84 -13.95 10.90
CA GLY A 180 20.14 -15.38 11.13
C GLY A 180 19.07 -16.09 11.97
N ALA A 181 17.93 -15.44 12.19
CA ALA A 181 16.83 -16.06 12.97
C ALA A 181 16.38 -17.35 12.31
N LYS A 182 15.89 -18.30 13.11
CA LYS A 182 15.40 -19.53 12.53
C LYS A 182 13.86 -19.57 12.53
N GLY A 183 13.26 -18.52 13.06
CA GLY A 183 11.81 -18.41 13.00
C GLY A 183 11.36 -17.04 13.47
N VAL A 184 10.15 -16.65 13.12
CA VAL A 184 9.66 -15.35 13.58
C VAL A 184 8.25 -15.52 14.15
N ILE A 185 8.02 -14.93 15.31
CA ILE A 185 6.68 -14.81 15.87
C ILE A 185 6.27 -13.33 15.82
N LEU A 186 5.15 -13.04 15.16
CA LEU A 186 4.64 -11.70 15.06
C LEU A 186 3.48 -11.57 16.07
N TYR A 187 3.38 -10.46 16.79
CA TYR A 187 2.22 -10.32 17.72
C TYR A 187 1.73 -8.90 17.76
N SER A 188 0.47 -8.72 18.13
CA SER A 188 -0.16 -7.38 18.25
C SER A 188 -0.08 -6.90 19.72
N ASP A 189 0.75 -5.88 19.96
CA ASP A 189 0.88 -5.33 21.29
C ASP A 189 -0.24 -4.32 21.55
N PRO A 190 -0.88 -4.37 22.73
CA PRO A 190 -1.89 -3.34 23.01
C PRO A 190 -1.33 -1.93 22.84
N ALA A 191 -0.02 -1.72 23.03
CA ALA A 191 0.52 -0.35 22.81
C ALA A 191 0.17 0.21 21.41
N ASP A 192 0.17 -0.70 20.44
CA ASP A 192 -0.02 -0.40 19.05
C ASP A 192 -1.40 -0.74 18.54
N TYR A 193 -2.15 -1.57 19.27
CA TYR A 193 -3.48 -1.98 18.76
C TYR A 193 -4.62 -1.83 19.79
N PHE A 194 -4.43 -1.01 20.82
CA PHE A 194 -5.49 -0.84 21.80
C PHE A 194 -5.44 0.62 22.25
N ALA A 195 -6.35 1.42 21.70
CA ALA A 195 -6.45 2.83 22.06
C ALA A 195 -6.98 2.95 23.48
N PRO A 196 -6.28 3.70 24.34
CA PRO A 196 -6.75 3.89 25.72
C PRO A 196 -8.20 4.45 25.78
N GLY A 197 -9.01 3.92 26.69
CA GLY A 197 -10.36 4.41 26.95
C GLY A 197 -11.46 3.92 26.00
N VAL A 198 -11.10 3.05 25.05
CA VAL A 198 -12.06 2.39 24.14
C VAL A 198 -12.13 0.88 24.46
N LYS A 199 -13.28 0.30 24.28
CA LYS A 199 -13.52 -1.09 24.63
C LYS A 199 -13.12 -1.97 23.46
N SER A 200 -12.74 -3.21 23.73
CA SER A 200 -12.46 -4.08 22.61
C SER A 200 -13.73 -4.65 22.00
N TYR A 201 -13.60 -5.08 20.73
CA TYR A 201 -14.71 -5.63 20.00
C TYR A 201 -15.36 -6.78 20.76
N PRO A 202 -16.69 -6.86 20.78
CA PRO A 202 -17.76 -6.13 20.04
C PRO A 202 -18.23 -4.81 20.67
N ASP A 203 -17.65 -4.42 21.79
CA ASP A 203 -18.15 -3.28 22.57
C ASP A 203 -17.47 -1.96 22.20
N GLY A 204 -16.44 -2.02 21.36
CA GLY A 204 -15.70 -0.85 20.91
C GLY A 204 -14.85 -1.33 19.76
N TRP A 205 -13.95 -0.48 19.30
CA TRP A 205 -13.20 -0.79 18.08
C TRP A 205 -11.76 -1.30 18.33
N ASN A 206 -11.46 -1.68 19.57
CA ASN A 206 -10.12 -2.17 19.91
C ASN A 206 -9.97 -3.68 19.67
N LEU A 207 -8.72 -4.12 19.60
CA LEU A 207 -8.40 -5.53 19.41
C LEU A 207 -8.44 -6.21 20.76
N PRO A 208 -9.23 -7.29 20.87
CA PRO A 208 -9.25 -8.19 22.01
C PRO A 208 -7.94 -9.00 22.09
N GLY A 209 -7.69 -9.54 23.27
CA GLY A 209 -6.46 -10.33 23.53
C GLY A 209 -6.35 -11.56 22.65
N GLY A 210 -7.49 -12.08 22.20
CA GLY A 210 -7.52 -13.27 21.32
C GLY A 210 -7.48 -12.93 19.83
N GLY A 211 -7.54 -11.63 19.50
CA GLY A 211 -7.50 -11.20 18.11
C GLY A 211 -6.11 -11.28 17.52
N VAL A 212 -6.07 -11.56 16.23
CA VAL A 212 -4.78 -11.82 15.53
C VAL A 212 -4.83 -11.24 14.13
N GLN A 213 -3.71 -10.64 13.72
CA GLN A 213 -3.62 -10.01 12.42
C GLN A 213 -3.04 -11.01 11.44
N ARG A 214 -3.84 -11.42 10.45
CA ARG A 214 -3.32 -12.19 9.29
C ARG A 214 -2.46 -11.31 8.37
N GLY A 215 -1.74 -11.92 7.42
CA GLY A 215 -1.11 -11.06 6.38
C GLY A 215 0.07 -11.75 5.73
N ASN A 216 0.33 -11.43 4.45
CA ASN A 216 1.44 -12.08 3.80
C ASN A 216 2.78 -11.50 4.27
N ILE A 217 3.86 -12.30 4.13
CA ILE A 217 5.17 -11.87 4.56
C ILE A 217 6.19 -11.94 3.43
N LEU A 218 5.73 -11.70 2.21
CA LEU A 218 6.60 -11.77 1.04
C LEU A 218 7.47 -10.54 0.94
N ASN A 219 8.53 -10.64 0.13
CA ASN A 219 9.33 -9.45 -0.26
C ASN A 219 9.43 -9.46 -1.77
N LEU A 220 8.33 -9.11 -2.43
CA LEU A 220 8.26 -9.22 -3.87
C LEU A 220 8.94 -8.10 -4.61
N ASN A 221 9.08 -6.91 -3.97
CA ASN A 221 9.64 -5.75 -4.70
C ASN A 221 8.98 -5.45 -6.05
N GLY A 222 7.65 -5.62 -6.09
CA GLY A 222 6.86 -5.30 -7.28
C GLY A 222 6.75 -6.44 -8.28
N ALA A 223 7.25 -7.65 -7.96
CA ALA A 223 7.24 -8.74 -8.98
C ALA A 223 5.89 -9.34 -9.37
N GLY A 224 4.90 -9.31 -8.48
CA GLY A 224 3.60 -9.95 -8.75
C GLY A 224 3.74 -11.43 -8.36
N ASP A 225 3.05 -12.29 -9.07
CA ASP A 225 3.08 -13.72 -8.73
C ASP A 225 4.53 -14.17 -8.61
N PRO A 226 4.90 -14.83 -7.47
CA PRO A 226 6.27 -15.25 -7.28
C PRO A 226 6.85 -16.13 -8.39
N LEU A 227 6.01 -16.85 -9.12
CA LEU A 227 6.55 -17.82 -10.10
C LEU A 227 6.70 -17.25 -11.53
N THR A 228 6.17 -16.06 -11.78
CA THR A 228 6.13 -15.53 -13.19
C THR A 228 6.54 -14.07 -13.31
N PRO A 229 7.67 -13.68 -12.68
CA PRO A 229 8.01 -12.25 -12.76
C PRO A 229 8.22 -11.76 -14.19
N GLY A 230 7.52 -10.67 -14.53
CA GLY A 230 7.63 -10.06 -15.87
C GLY A 230 6.50 -10.35 -16.83
N TYR A 231 5.76 -11.46 -16.60
CA TYR A 231 4.83 -12.00 -17.61
C TYR A 231 3.54 -12.46 -16.91
N PRO A 232 2.38 -12.33 -17.57
CA PRO A 232 1.15 -12.73 -16.85
C PRO A 232 1.12 -14.28 -16.64
N ALA A 233 0.56 -14.71 -15.54
CA ALA A 233 0.47 -16.13 -15.17
C ALA A 233 -0.77 -16.71 -15.86
N ASN A 234 -0.70 -16.75 -17.20
CA ASN A 234 -1.81 -17.20 -18.02
C ASN A 234 -1.74 -18.71 -18.20
N GLU A 235 -2.52 -19.28 -19.14
N GLU A 235 -2.52 -19.22 -19.16
CA GLU A 235 -2.65 -20.75 -19.21
CA GLU A 235 -2.71 -20.67 -19.34
C GLU A 235 -1.42 -21.48 -19.74
C GLU A 235 -1.36 -21.35 -19.57
N TYR A 236 -0.54 -20.78 -20.45
CA TYR A 236 0.66 -21.45 -21.01
C TYR A 236 1.93 -20.95 -20.35
N ALA A 237 1.80 -20.21 -19.25
CA ALA A 237 2.95 -19.54 -18.67
C ALA A 237 3.99 -20.55 -18.19
N TYR A 238 5.27 -20.20 -18.35
CA TYR A 238 6.35 -20.98 -17.76
C TYR A 238 6.55 -20.48 -16.35
N ARG A 239 6.61 -21.40 -15.42
CA ARG A 239 6.78 -21.06 -14.03
C ARG A 239 8.14 -21.39 -13.50
N ARG A 240 8.67 -20.50 -12.70
CA ARG A 240 9.87 -20.82 -11.97
C ARG A 240 9.55 -21.98 -11.01
N GLY A 241 10.56 -22.81 -10.75
CA GLY A 241 10.48 -23.75 -9.64
C GLY A 241 10.43 -22.93 -8.34
N ILE A 242 9.84 -23.51 -7.30
CA ILE A 242 9.71 -22.83 -6.00
C ILE A 242 11.04 -22.30 -5.47
N ALA A 243 12.12 -23.04 -5.68
CA ALA A 243 13.43 -22.58 -5.17
C ALA A 243 13.90 -21.30 -5.83
N GLU A 244 13.42 -21.01 -7.05
CA GLU A 244 13.78 -19.77 -7.74
C GLU A 244 12.68 -18.71 -7.65
N ALA A 245 11.62 -18.99 -6.90
CA ALA A 245 10.48 -18.05 -6.84
C ALA A 245 10.91 -16.69 -6.21
N VAL A 246 10.15 -15.64 -6.52
CA VAL A 246 10.52 -14.35 -6.00
C VAL A 246 9.90 -14.19 -4.63
N GLY A 247 10.73 -13.78 -3.69
CA GLY A 247 10.24 -13.14 -2.46
C GLY A 247 9.75 -13.98 -1.31
N LEU A 248 9.92 -15.31 -1.38
CA LEU A 248 9.43 -16.20 -0.32
C LEU A 248 10.36 -16.15 0.88
N PRO A 249 9.80 -16.24 2.08
CA PRO A 249 10.66 -16.26 3.25
C PRO A 249 11.28 -17.63 3.43
N SER A 250 12.41 -17.71 4.15
CA SER A 250 13.14 -18.96 4.24
C SER A 250 13.04 -19.55 5.64
N ILE A 251 12.33 -18.86 6.53
CA ILE A 251 12.12 -19.33 7.93
C ILE A 251 10.64 -19.26 8.27
N PRO A 252 10.15 -20.15 9.15
CA PRO A 252 8.74 -20.16 9.54
C PRO A 252 8.32 -18.90 10.31
N VAL A 253 7.08 -18.46 10.07
CA VAL A 253 6.56 -17.24 10.66
C VAL A 253 5.10 -17.49 11.04
N HIS A 254 4.69 -16.96 12.20
CA HIS A 254 3.32 -17.13 12.63
C HIS A 254 2.90 -15.93 13.48
N PRO A 255 1.64 -15.44 13.29
CA PRO A 255 1.18 -14.32 14.12
C PRO A 255 0.28 -14.79 15.28
N ILE A 256 0.38 -14.08 16.41
CA ILE A 256 -0.45 -14.34 17.60
C ILE A 256 -1.04 -13.04 18.20
N GLY A 257 -2.02 -13.20 19.08
CA GLY A 257 -2.58 -12.07 19.81
C GLY A 257 -1.85 -11.81 21.11
N TYR A 258 -2.27 -10.76 21.81
CA TYR A 258 -1.52 -10.37 23.00
C TYR A 258 -1.77 -11.24 24.24
N TYR A 259 -2.91 -11.94 24.34
CA TYR A 259 -2.99 -12.95 25.44
C TYR A 259 -1.88 -13.99 25.30
N ASP A 260 -1.73 -14.51 24.08
CA ASP A 260 -0.69 -15.53 23.81
C ASP A 260 0.73 -14.93 23.88
N ALA A 261 0.91 -13.72 23.35
CA ALA A 261 2.24 -13.06 23.43
C ALA A 261 2.69 -12.90 24.86
N GLN A 262 1.76 -12.50 25.73
CA GLN A 262 2.11 -12.29 27.13
C GLN A 262 2.69 -13.57 27.75
N LYS A 263 2.12 -14.72 27.41
CA LYS A 263 2.61 -16.00 27.89
C LYS A 263 3.98 -16.32 27.34
N LEU A 264 4.29 -15.85 26.13
CA LEU A 264 5.64 -16.04 25.56
C LEU A 264 6.68 -15.05 26.12
N LEU A 265 6.25 -13.82 26.40
CA LEU A 265 7.18 -12.76 26.80
C LEU A 265 7.45 -12.74 28.30
N GLU A 266 6.47 -13.19 29.08
CA GLU A 266 6.55 -13.00 30.53
C GLU A 266 7.78 -13.70 31.13
N LYS A 267 8.27 -14.75 30.48
CA LYS A 267 9.36 -15.52 31.09
C LYS A 267 10.73 -15.05 30.61
N MET A 268 10.75 -14.08 29.69
CA MET A 268 11.99 -13.65 29.04
C MET A 268 13.07 -13.11 30.00
N GLY A 269 14.30 -13.58 29.79
CA GLY A 269 15.44 -13.14 30.59
C GLY A 269 16.44 -12.37 29.74
N GLY A 270 17.71 -12.58 30.05
CA GLY A 270 18.78 -11.93 29.30
C GLY A 270 18.80 -10.45 29.63
N SER A 271 19.07 -9.65 28.60
CA SER A 271 19.27 -8.23 28.75
C SER A 271 17.96 -7.46 28.91
N ALA A 272 17.98 -6.41 29.72
CA ALA A 272 16.84 -5.47 29.82
C ALA A 272 16.55 -4.83 28.45
N PRO A 273 15.31 -4.35 28.22
CA PRO A 273 15.12 -3.53 27.00
C PRO A 273 16.06 -2.31 27.04
N PRO A 274 16.56 -1.87 25.88
CA PRO A 274 17.55 -0.79 25.95
C PRO A 274 16.96 0.56 26.38
N ASP A 275 15.68 0.78 26.12
CA ASP A 275 15.02 2.04 26.51
C ASP A 275 13.49 1.91 26.35
N SER A 276 12.75 2.94 26.73
N SER A 276 12.76 2.96 26.74
CA SER A 276 11.27 2.92 26.76
CA SER A 276 11.27 2.93 26.74
C SER A 276 10.59 2.72 25.41
C SER A 276 10.61 2.65 25.41
N SER A 277 11.30 2.98 24.31
CA SER A 277 10.75 2.80 22.95
C SER A 277 10.60 1.31 22.57
N TRP A 278 11.23 0.45 23.37
CA TRP A 278 11.18 -1.00 23.20
C TRP A 278 10.10 -1.66 24.08
N ARG A 279 9.50 -0.89 25.01
CA ARG A 279 8.46 -1.41 25.91
C ARG A 279 7.06 -1.14 25.37
N GLY A 280 6.29 -2.21 25.15
CA GLY A 280 4.85 -2.11 24.85
C GLY A 280 4.04 -1.94 26.14
N SER A 281 2.77 -2.32 26.11
CA SER A 281 1.83 -2.09 27.20
C SER A 281 1.51 -3.30 28.06
N LEU A 282 2.01 -4.47 27.68
CA LEU A 282 1.78 -5.63 28.54
C LEU A 282 2.57 -5.56 29.85
N LYS A 283 2.12 -6.34 30.83
CA LYS A 283 2.75 -6.36 32.14
C LYS A 283 3.87 -7.38 32.10
N VAL A 284 4.90 -7.07 31.31
CA VAL A 284 6.06 -7.92 31.16
C VAL A 284 7.26 -6.96 31.10
N PRO A 285 8.47 -7.47 31.37
CA PRO A 285 9.63 -6.55 31.39
C PRO A 285 10.14 -6.15 30.00
N TYR A 286 9.74 -6.89 28.96
CA TYR A 286 10.21 -6.63 27.58
C TYR A 286 11.72 -6.83 27.49
N ASN A 287 12.23 -7.79 28.27
CA ASN A 287 13.62 -8.24 28.17
C ASN A 287 13.82 -8.75 26.77
N VAL A 288 15.03 -8.54 26.27
N VAL A 288 15.00 -8.52 26.21
CA VAL A 288 15.41 -8.89 24.92
CA VAL A 288 15.26 -8.98 24.84
C VAL A 288 15.82 -10.37 24.80
C VAL A 288 15.82 -10.39 24.78
N GLY A 289 16.20 -10.97 25.92
CA GLY A 289 16.72 -12.34 25.91
C GLY A 289 18.21 -12.32 25.62
N PRO A 290 18.73 -13.39 25.00
CA PRO A 290 18.03 -14.58 24.54
C PRO A 290 17.52 -15.44 25.69
N GLY A 291 16.40 -16.12 25.43
CA GLY A 291 15.92 -17.15 26.36
C GLY A 291 15.22 -16.62 27.59
N PHE A 292 14.85 -17.56 28.47
CA PHE A 292 14.00 -17.29 29.63
C PHE A 292 14.84 -17.09 30.89
N THR A 293 14.27 -16.46 31.94
CA THR A 293 14.98 -16.27 33.22
C THR A 293 15.28 -17.59 33.92
N GLY A 294 16.24 -17.55 34.84
CA GLY A 294 16.80 -18.74 35.47
C GLY A 294 15.97 -20.01 35.66
N ASN A 295 14.80 -19.90 36.29
CA ASN A 295 13.98 -21.09 36.59
C ASN A 295 13.41 -21.79 35.36
N PHE A 296 13.29 -21.03 34.29
CA PHE A 296 12.66 -21.51 33.07
C PHE A 296 13.71 -21.64 31.94
N SER A 297 14.98 -21.49 32.29
CA SER A 297 16.06 -21.41 31.30
C SER A 297 16.18 -22.66 30.43
N THR A 298 15.60 -23.78 30.86
CA THR A 298 15.68 -25.01 30.04
C THR A 298 14.47 -25.21 29.14
N GLN A 299 13.42 -24.40 29.34
CA GLN A 299 12.29 -24.41 28.44
C GLN A 299 12.69 -23.76 27.11
N LYS A 300 12.00 -24.14 26.04
CA LYS A 300 12.26 -23.54 24.73
C LYS A 300 10.93 -23.15 24.10
N VAL A 301 11.02 -22.45 22.97
CA VAL A 301 9.86 -22.19 22.15
C VAL A 301 9.91 -23.05 20.87
N LYS A 302 8.78 -23.65 20.52
CA LYS A 302 8.67 -24.47 19.35
C LYS A 302 7.52 -23.94 18.47
N MET A 303 7.81 -23.75 17.19
CA MET A 303 6.78 -23.39 16.23
C MET A 303 6.35 -24.67 15.48
N HIS A 304 5.11 -24.75 15.02
CA HIS A 304 4.66 -25.84 14.15
C HIS A 304 3.90 -25.22 12.99
N ILE A 305 4.55 -25.15 11.83
CA ILE A 305 3.93 -24.53 10.66
C ILE A 305 3.86 -25.54 9.53
N HIS A 306 2.66 -25.72 9.00
CA HIS A 306 2.37 -26.75 8.00
C HIS A 306 1.56 -26.20 6.79
N SER A 307 1.56 -24.87 6.65
N SER A 307 1.54 -24.87 6.66
CA SER A 307 0.88 -24.23 5.55
CA SER A 307 0.83 -24.26 5.55
C SER A 307 1.53 -24.69 4.25
C SER A 307 1.55 -24.58 4.24
N THR A 308 0.79 -24.60 3.15
CA THR A 308 1.33 -25.01 1.85
C THR A 308 1.10 -23.88 0.83
N ASN A 309 2.04 -23.74 -0.08
CA ASN A 309 1.94 -22.80 -1.20
C ASN A 309 1.31 -23.58 -2.34
N GLU A 310 0.36 -22.99 -3.06
CA GLU A 310 -0.33 -23.77 -4.07
C GLU A 310 -0.72 -22.82 -5.17
N VAL A 311 -0.42 -23.22 -6.39
CA VAL A 311 -0.87 -22.39 -7.53
C VAL A 311 -2.40 -22.48 -7.66
N THR A 312 -3.05 -21.32 -7.71
CA THR A 312 -4.49 -21.23 -7.53
C THR A 312 -5.03 -20.18 -8.47
N ARG A 313 -6.22 -20.43 -8.98
CA ARG A 313 -6.86 -19.49 -9.90
C ARG A 313 -7.44 -18.26 -9.21
N ILE A 314 -7.21 -17.08 -9.79
CA ILE A 314 -7.74 -15.83 -9.19
C ILE A 314 -8.45 -15.09 -10.32
N TYR A 315 -9.35 -14.17 -9.97
CA TYR A 315 -10.22 -13.54 -10.98
C TYR A 315 -10.33 -12.07 -10.75
N ASN A 316 -9.91 -11.27 -11.72
CA ASN A 316 -10.18 -9.82 -11.63
C ASN A 316 -11.44 -9.55 -12.44
N VAL A 317 -12.24 -8.59 -11.99
CA VAL A 317 -13.34 -8.11 -12.81
C VAL A 317 -12.87 -6.80 -13.44
N ILE A 318 -13.02 -6.69 -14.75
CA ILE A 318 -12.65 -5.50 -15.52
C ILE A 318 -13.84 -4.94 -16.28
N GLY A 319 -14.25 -3.73 -15.89
CA GLY A 319 -15.40 -3.08 -16.48
C GLY A 319 -14.93 -1.94 -17.35
N THR A 320 -15.55 -1.73 -18.50
CA THR A 320 -15.13 -0.66 -19.44
C THR A 320 -16.30 0.24 -19.75
N LEU A 321 -16.05 1.54 -19.64
CA LEU A 321 -17.01 2.56 -20.06
C LEU A 321 -16.25 3.33 -21.13
N ARG A 322 -16.56 3.02 -22.37
CA ARG A 322 -15.82 3.60 -23.52
C ARG A 322 -15.97 5.13 -23.65
N GLY A 323 -14.85 5.82 -23.85
CA GLY A 323 -14.81 7.29 -24.04
C GLY A 323 -15.42 7.67 -25.37
N ALA A 324 -16.12 8.80 -25.37
CA ALA A 324 -16.77 9.34 -26.58
C ALA A 324 -15.79 9.94 -27.58
N VAL A 325 -14.71 10.54 -27.06
CA VAL A 325 -13.76 11.34 -27.89
C VAL A 325 -12.38 10.73 -27.91
N GLU A 326 -11.86 10.36 -26.73
CA GLU A 326 -10.55 9.68 -26.69
C GLU A 326 -10.68 8.29 -26.07
N PRO A 327 -11.30 7.34 -26.80
CA PRO A 327 -11.50 6.00 -26.24
C PRO A 327 -10.17 5.27 -25.98
N ASP A 328 -9.07 5.74 -26.63
CA ASP A 328 -7.74 5.14 -26.40
C ASP A 328 -6.94 5.82 -25.29
N ARG A 329 -7.64 6.46 -24.33
CA ARG A 329 -6.99 7.05 -23.18
C ARG A 329 -7.74 6.49 -21.99
N TYR A 330 -6.99 5.89 -21.05
CA TYR A 330 -7.67 5.13 -19.97
C TYR A 330 -7.48 5.79 -18.63
N VAL A 331 -8.59 5.98 -17.93
CA VAL A 331 -8.54 6.44 -16.54
C VAL A 331 -9.08 5.22 -15.78
N ILE A 332 -8.27 4.76 -14.83
CA ILE A 332 -8.58 3.50 -14.18
C ILE A 332 -8.93 3.71 -12.73
N LEU A 333 -10.07 3.14 -12.31
CA LEU A 333 -10.44 3.13 -10.88
C LEU A 333 -10.39 1.69 -10.45
N GLY A 334 -9.46 1.34 -9.56
CA GLY A 334 -9.25 -0.06 -9.23
C GLY A 334 -9.12 -0.26 -7.72
N GLY A 335 -9.63 -1.37 -7.21
CA GLY A 335 -9.34 -1.69 -5.82
C GLY A 335 -9.60 -3.18 -5.67
N HIS A 336 -9.12 -3.77 -4.58
CA HIS A 336 -9.28 -5.22 -4.45
C HIS A 336 -10.60 -5.67 -3.85
N ARG A 337 -10.86 -6.97 -4.02
CA ARG A 337 -12.10 -7.59 -3.56
C ARG A 337 -11.82 -8.71 -2.56
N ASP A 338 -10.65 -9.35 -2.67
CA ASP A 338 -10.29 -10.47 -1.76
C ASP A 338 -10.04 -9.92 -0.37
N SER A 339 -10.41 -10.70 0.63
CA SER A 339 -10.18 -10.24 2.01
C SER A 339 -9.58 -11.39 2.81
N TRP A 340 -8.97 -11.09 3.94
CA TRP A 340 -8.51 -12.17 4.84
C TRP A 340 -9.68 -12.91 5.47
N VAL A 341 -10.65 -12.18 6.01
CA VAL A 341 -11.90 -12.81 6.48
C VAL A 341 -13.08 -12.04 5.90
N PHE A 342 -13.78 -11.24 6.71
CA PHE A 342 -14.98 -10.55 6.20
C PHE A 342 -14.68 -9.29 5.45
N GLY A 343 -13.53 -8.68 5.74
CA GLY A 343 -13.15 -7.48 4.97
C GLY A 343 -14.08 -6.28 5.16
N GLY A 344 -14.63 -6.15 6.38
CA GLY A 344 -15.55 -5.06 6.74
C GLY A 344 -14.97 -3.72 6.40
N ILE A 345 -13.67 -3.53 6.68
CA ILE A 345 -13.02 -2.31 6.23
C ILE A 345 -12.18 -2.61 4.96
N ASP A 346 -11.29 -3.58 5.09
CA ASP A 346 -10.26 -3.85 4.09
C ASP A 346 -10.63 -5.15 3.37
N PRO A 347 -11.13 -5.07 2.14
CA PRO A 347 -11.29 -3.92 1.24
C PRO A 347 -12.71 -3.51 1.04
N GLN A 348 -13.67 -4.16 1.72
CA GLN A 348 -15.03 -3.98 1.20
C GLN A 348 -15.56 -2.55 1.41
N SER A 349 -15.04 -1.80 2.38
CA SER A 349 -15.46 -0.40 2.47
C SER A 349 -15.04 0.41 1.25
N GLY A 350 -13.95 -0.04 0.61
CA GLY A 350 -13.53 0.59 -0.65
C GLY A 350 -14.34 0.03 -1.83
N ALA A 351 -14.54 -1.29 -1.86
CA ALA A 351 -15.23 -1.96 -2.97
C ALA A 351 -16.67 -1.53 -3.06
N ALA A 352 -17.31 -1.24 -1.91
CA ALA A 352 -18.69 -0.77 -1.92
C ALA A 352 -18.77 0.63 -2.54
N VAL A 353 -17.75 1.43 -2.29
CA VAL A 353 -17.67 2.81 -2.83
C VAL A 353 -17.42 2.70 -4.35
N VAL A 354 -16.53 1.80 -4.76
CA VAL A 354 -16.36 1.59 -6.21
C VAL A 354 -17.70 1.20 -6.86
N HIS A 355 -18.43 0.27 -6.23
CA HIS A 355 -19.67 -0.25 -6.78
C HIS A 355 -20.66 0.91 -7.00
N GLU A 356 -20.78 1.79 -5.99
CA GLU A 356 -21.67 2.94 -6.11
C GLU A 356 -21.21 3.95 -7.17
N ILE A 357 -19.91 4.14 -7.26
CA ILE A 357 -19.33 4.98 -8.31
C ILE A 357 -19.70 4.41 -9.69
N VAL A 358 -19.54 3.10 -9.90
CA VAL A 358 -19.93 2.47 -11.19
C VAL A 358 -21.41 2.69 -11.46
N ARG A 359 -22.22 2.47 -10.41
CA ARG A 359 -23.65 2.65 -10.54
C ARG A 359 -23.97 4.08 -10.99
N SER A 360 -23.32 5.08 -10.38
CA SER A 360 -23.61 6.49 -10.77
C SER A 360 -23.15 6.80 -12.19
N PHE A 361 -21.93 6.41 -12.55
CA PHE A 361 -21.51 6.63 -13.93
C PHE A 361 -22.47 5.95 -14.89
N GLY A 362 -22.96 4.75 -14.54
CA GLY A 362 -23.87 4.02 -15.41
C GLY A 362 -25.24 4.70 -15.55
N THR A 363 -25.68 5.36 -14.49
CA THR A 363 -26.94 6.11 -14.56
C THR A 363 -26.79 7.20 -15.64
N LEU A 364 -25.66 7.87 -15.65
CA LEU A 364 -25.44 8.91 -16.64
C LEU A 364 -25.33 8.30 -18.03
N LYS A 365 -24.62 7.18 -18.15
CA LYS A 365 -24.50 6.52 -19.43
C LYS A 365 -25.88 6.15 -19.99
N LYS A 366 -26.78 5.69 -19.12
CA LYS A 366 -28.16 5.34 -19.55
C LYS A 366 -28.96 6.51 -20.08
N GLU A 367 -28.58 7.73 -19.69
CA GLU A 367 -29.24 8.95 -20.15
C GLU A 367 -28.57 9.52 -21.40
N GLY A 368 -27.60 8.80 -21.95
CA GLY A 368 -26.92 9.17 -23.20
C GLY A 368 -25.54 9.78 -23.02
N TRP A 369 -25.07 9.91 -21.77
CA TRP A 369 -23.77 10.52 -21.55
C TRP A 369 -22.66 9.52 -21.70
N ARG A 370 -21.52 10.03 -22.11
CA ARG A 370 -20.28 9.24 -22.05
C ARG A 370 -19.16 10.14 -21.63
N PRO A 371 -18.18 9.59 -20.89
CA PRO A 371 -16.98 10.37 -20.59
C PRO A 371 -16.17 10.63 -21.85
N ARG A 372 -15.35 11.66 -21.82
CA ARG A 372 -14.49 11.99 -22.95
C ARG A 372 -13.51 10.81 -23.20
N ARG A 373 -12.84 10.40 -22.12
CA ARG A 373 -11.86 9.27 -22.16
C ARG A 373 -12.50 8.01 -21.61
N THR A 374 -11.93 6.87 -21.96
CA THR A 374 -12.36 5.55 -21.45
C THR A 374 -12.10 5.48 -19.95
N ILE A 375 -13.08 5.00 -19.20
CA ILE A 375 -12.87 4.66 -17.80
C ILE A 375 -12.88 3.16 -17.66
N LEU A 376 -11.84 2.63 -16.99
CA LEU A 376 -11.78 1.23 -16.65
C LEU A 376 -11.98 1.11 -15.16
N PHE A 377 -12.79 0.12 -14.78
CA PHE A 377 -13.10 -0.17 -13.37
C PHE A 377 -12.60 -1.58 -13.07
N ALA A 378 -11.89 -1.72 -11.97
CA ALA A 378 -11.31 -3.05 -11.64
C ALA A 378 -11.65 -3.45 -10.22
N SER A 379 -11.99 -4.72 -10.08
CA SER A 379 -12.11 -5.43 -8.82
C SER A 379 -10.98 -6.44 -8.81
N TRP A 380 -9.88 -6.13 -8.11
CA TRP A 380 -8.67 -6.96 -8.17
C TRP A 380 -8.76 -8.10 -7.19
N ASP A 381 -8.16 -9.23 -7.58
CA ASP A 381 -8.16 -10.39 -6.71
C ASP A 381 -6.74 -10.52 -6.14
N ALA A 382 -6.64 -11.32 -5.07
CA ALA A 382 -5.35 -11.68 -4.45
C ALA A 382 -4.43 -10.53 -4.12
N GLU A 383 -5.03 -9.40 -3.77
CA GLU A 383 -4.20 -8.28 -3.39
C GLU A 383 -3.52 -8.69 -2.11
N GLU A 384 -4.25 -9.38 -1.23
CA GLU A 384 -3.70 -9.64 0.12
C GLU A 384 -2.54 -10.61 0.08
N PHE A 385 -2.37 -11.30 -1.04
CA PHE A 385 -1.26 -12.22 -1.20
C PHE A 385 -0.09 -11.64 -1.99
N GLY A 386 -0.09 -10.31 -2.16
CA GLY A 386 1.05 -9.66 -2.79
C GLY A 386 0.73 -8.84 -4.02
N LEU A 387 -0.45 -8.23 -4.05
CA LEU A 387 -0.86 -7.35 -5.19
C LEU A 387 -0.90 -8.20 -6.47
N LEU A 388 -1.31 -9.47 -6.33
CA LEU A 388 -1.11 -10.38 -7.46
C LEU A 388 -2.03 -10.13 -8.64
N GLY A 389 -3.30 -9.87 -8.37
CA GLY A 389 -4.31 -9.70 -9.43
C GLY A 389 -4.00 -8.44 -10.23
N SER A 390 -3.76 -7.32 -9.57
CA SER A 390 -3.49 -6.09 -10.32
C SER A 390 -2.17 -6.24 -11.09
N THR A 391 -1.17 -6.86 -10.47
CA THR A 391 0.16 -6.93 -11.10
C THR A 391 0.13 -7.88 -12.30
N GLU A 392 -0.50 -9.04 -12.15
CA GLU A 392 -0.60 -9.94 -13.37
C GLU A 392 -1.32 -9.26 -14.52
N TRP A 393 -2.46 -8.61 -14.22
CA TRP A 393 -3.23 -7.92 -15.29
C TRP A 393 -2.40 -6.80 -15.94
N ALA A 394 -1.66 -6.04 -15.12
CA ALA A 394 -0.82 -4.98 -15.69
C ALA A 394 0.32 -5.60 -16.49
N GLU A 395 0.89 -6.73 -16.04
CA GLU A 395 1.87 -7.43 -16.90
C GLU A 395 1.30 -7.88 -18.23
N GLU A 396 0.09 -8.44 -18.22
N GLU A 396 0.09 -8.44 -18.24
CA GLU A 396 -0.59 -8.85 -19.45
CA GLU A 396 -0.55 -8.83 -19.50
C GLU A 396 -0.80 -7.64 -20.39
C GLU A 396 -0.77 -7.62 -20.41
N ASN A 397 -1.17 -6.50 -19.83
CA ASN A 397 -1.67 -5.32 -20.62
C ASN A 397 -0.70 -4.15 -20.63
N SER A 398 0.58 -4.41 -20.27
CA SER A 398 1.54 -3.34 -20.04
C SER A 398 1.71 -2.43 -21.26
N ARG A 399 1.69 -3.00 -22.46
CA ARG A 399 1.79 -2.12 -23.66
C ARG A 399 0.61 -1.13 -23.82
N LEU A 400 -0.61 -1.61 -23.59
CA LEU A 400 -1.76 -0.72 -23.66
C LEU A 400 -1.65 0.32 -22.56
N LEU A 401 -1.21 -0.12 -21.37
CA LEU A 401 -1.22 0.80 -20.25
C LEU A 401 -0.16 1.87 -20.41
N GLN A 402 0.99 1.42 -20.92
N GLN A 402 1.01 1.51 -20.91
CA GLN A 402 2.18 2.27 -21.14
CA GLN A 402 2.03 2.55 -20.93
C GLN A 402 1.81 3.45 -22.04
C GLN A 402 1.87 3.52 -22.10
N GLU A 403 1.15 3.14 -23.15
CA GLU A 403 0.90 4.11 -24.21
C GLU A 403 -0.44 4.82 -24.07
N ARG A 404 -1.33 4.30 -23.21
CA ARG A 404 -2.69 4.89 -23.13
C ARG A 404 -3.14 5.25 -21.73
N GLY A 405 -2.37 4.89 -20.70
CA GLY A 405 -2.84 5.05 -19.29
C GLY A 405 -2.66 6.49 -18.86
N VAL A 406 -3.77 7.17 -18.58
CA VAL A 406 -3.74 8.54 -18.11
C VAL A 406 -3.46 8.55 -16.61
N ALA A 407 -4.21 7.73 -15.87
CA ALA A 407 -4.14 7.79 -14.41
C ALA A 407 -4.74 6.54 -13.83
N TYR A 408 -4.35 6.30 -12.60
CA TYR A 408 -4.88 5.18 -11.83
C TYR A 408 -5.29 5.74 -10.46
N ILE A 409 -6.54 5.52 -10.10
CA ILE A 409 -7.04 5.91 -8.79
C ILE A 409 -7.34 4.60 -8.04
N ASN A 410 -6.65 4.40 -6.91
CA ASN A 410 -6.89 3.23 -6.11
C ASN A 410 -8.16 3.35 -5.27
N ALA A 411 -8.65 2.19 -4.79
CA ALA A 411 -9.92 2.23 -4.02
C ALA A 411 -10.00 1.06 -3.04
N ASP A 412 -9.03 1.02 -2.13
CA ASP A 412 -9.10 0.08 -1.03
C ASP A 412 -9.87 0.80 0.11
N SER A 413 -9.73 0.28 1.32
N SER A 413 -9.71 0.30 1.33
CA SER A 413 -10.43 0.78 2.52
CA SER A 413 -10.46 0.73 2.53
C SER A 413 -10.78 2.27 2.41
C SER A 413 -10.78 2.24 2.59
N SER A 414 -12.07 2.56 2.53
CA SER A 414 -12.52 3.97 2.50
C SER A 414 -12.32 4.69 3.80
N ILE A 415 -12.24 3.95 4.90
CA ILE A 415 -12.16 4.57 6.22
C ILE A 415 -11.16 3.78 7.04
N GLU A 416 -10.30 4.48 7.78
N GLU A 416 -10.32 4.48 7.81
CA GLU A 416 -9.51 3.86 8.86
CA GLU A 416 -9.53 3.85 8.88
C GLU A 416 -9.69 4.67 10.15
C GLU A 416 -9.64 4.74 10.11
N GLY A 417 -10.66 5.59 10.10
CA GLY A 417 -10.92 6.52 11.18
C GLY A 417 -12.02 7.43 10.71
N ASN A 418 -12.36 8.40 11.53
CA ASN A 418 -13.47 9.28 11.21
C ASN A 418 -13.07 10.73 11.46
N TYR A 419 -11.77 11.00 11.37
CA TYR A 419 -11.27 12.33 11.76
C TYR A 419 -11.17 13.30 10.55
N THR A 420 -10.43 12.89 9.51
CA THR A 420 -10.23 13.80 8.37
C THR A 420 -9.82 13.02 7.15
N LEU A 421 -9.67 13.73 6.04
CA LEU A 421 -9.22 13.06 4.83
C LEU A 421 -7.74 12.77 4.82
N ARG A 422 -7.34 11.72 4.11
CA ARG A 422 -5.96 11.41 3.87
C ARG A 422 -5.85 11.22 2.37
N VAL A 423 -4.90 11.91 1.73
CA VAL A 423 -4.69 11.73 0.27
C VAL A 423 -3.21 11.42 0.06
N ASP A 424 -2.88 10.39 -0.74
CA ASP A 424 -1.50 10.14 -1.14
C ASP A 424 -1.58 10.12 -2.68
N CYS A 425 -0.71 10.87 -3.36
CA CYS A 425 -0.77 10.89 -4.83
C CYS A 425 0.47 11.49 -5.42
N THR A 426 0.63 11.29 -6.72
CA THR A 426 1.63 12.02 -7.44
C THR A 426 1.43 13.55 -7.34
N PRO A 427 2.53 14.31 -7.30
CA PRO A 427 2.40 15.76 -7.37
C PRO A 427 1.54 16.23 -8.54
N LEU A 428 1.43 15.43 -9.63
CA LEU A 428 0.65 15.90 -10.78
C LEU A 428 -0.86 16.04 -10.47
N MET A 429 -1.30 15.44 -9.37
N MET A 429 -1.31 15.44 -9.38
CA MET A 429 -2.71 15.49 -8.98
CA MET A 429 -2.72 15.54 -9.03
C MET A 429 -2.98 16.50 -7.87
C MET A 429 -2.95 16.41 -7.81
N TYR A 430 -1.93 17.13 -7.33
CA TYR A 430 -2.15 18.00 -6.15
C TYR A 430 -3.22 19.04 -6.41
N SER A 431 -3.12 19.72 -7.56
CA SER A 431 -4.03 20.83 -7.85
C SER A 431 -5.42 20.33 -8.14
N LEU A 432 -5.52 19.19 -8.85
CA LEU A 432 -6.82 18.51 -9.02
C LEU A 432 -7.51 18.28 -7.64
N VAL A 433 -6.74 17.72 -6.71
CA VAL A 433 -7.29 17.35 -5.38
C VAL A 433 -7.69 18.59 -4.59
N HIS A 434 -6.83 19.60 -4.57
CA HIS A 434 -7.23 20.88 -3.91
C HIS A 434 -8.52 21.45 -4.48
N ASN A 435 -8.60 21.49 -5.80
CA ASN A 435 -9.77 22.10 -6.43
C ASN A 435 -11.03 21.31 -6.18
N LEU A 436 -10.92 20.01 -6.30
CA LEU A 436 -12.08 19.15 -6.08
C LEU A 436 -12.59 19.30 -4.65
N THR A 437 -11.68 19.21 -3.67
CA THR A 437 -12.11 19.19 -2.25
C THR A 437 -12.67 20.56 -1.84
N LYS A 438 -12.30 21.62 -2.56
CA LYS A 438 -12.94 22.93 -2.31
C LYS A 438 -14.40 22.98 -2.77
N GLU A 439 -14.77 22.04 -3.66
N GLU A 439 -14.80 22.11 -3.69
CA GLU A 439 -16.14 21.97 -4.21
CA GLU A 439 -16.22 22.12 -4.08
C GLU A 439 -17.03 20.90 -3.60
C GLU A 439 -17.08 21.07 -3.40
N LEU A 440 -16.46 20.14 -2.66
CA LEU A 440 -17.18 19.15 -1.86
C LEU A 440 -17.50 19.64 -0.45
N LYS A 441 -18.60 19.14 0.13
CA LYS A 441 -19.02 19.55 1.47
C LYS A 441 -18.25 18.77 2.51
N SER A 442 -17.85 19.41 3.60
CA SER A 442 -17.24 18.64 4.69
C SER A 442 -18.32 17.84 5.41
N PRO A 443 -18.07 16.55 5.68
CA PRO A 443 -19.04 15.80 6.50
C PRO A 443 -18.72 15.87 8.00
N ASP A 444 -17.71 16.67 8.38
CA ASP A 444 -17.23 16.69 9.76
C ASP A 444 -18.15 17.54 10.65
N GLU A 445 -18.31 17.06 11.88
CA GLU A 445 -19.00 17.82 12.92
C GLU A 445 -18.23 19.11 13.17
N GLY A 446 -18.96 20.21 13.27
CA GLY A 446 -18.33 21.50 13.47
C GLY A 446 -17.95 22.19 12.17
N PHE A 447 -18.06 21.49 11.03
CA PHE A 447 -17.76 22.10 9.73
C PHE A 447 -18.97 22.09 8.81
N GLU A 448 -20.18 22.07 9.36
CA GLU A 448 -21.33 22.02 8.46
C GLU A 448 -21.43 23.32 7.65
N GLY A 449 -21.66 23.18 6.35
CA GLY A 449 -21.64 24.36 5.48
C GLY A 449 -20.24 24.78 5.00
N LYS A 450 -19.22 24.10 5.49
CA LYS A 450 -17.84 24.34 5.06
C LYS A 450 -17.40 23.30 4.02
N SER A 451 -16.38 23.62 3.23
CA SER A 451 -15.85 22.66 2.25
C SER A 451 -15.00 21.59 2.93
N LEU A 452 -14.88 20.47 2.25
CA LEU A 452 -13.93 19.42 2.67
C LEU A 452 -12.48 19.96 2.71
N TYR A 453 -12.12 20.79 1.74
CA TYR A 453 -10.80 21.42 1.76
C TYR A 453 -10.57 22.16 3.09
N GLU A 454 -11.56 22.92 3.53
CA GLU A 454 -11.40 23.70 4.77
C GLU A 454 -11.21 22.81 6.02
N SER A 455 -12.04 21.78 6.14
CA SER A 455 -11.95 20.89 7.28
C SER A 455 -10.64 20.08 7.24
N TRP A 456 -10.29 19.57 6.06
CA TRP A 456 -9.10 18.77 5.89
C TRP A 456 -7.86 19.61 6.21
N THR A 457 -7.84 20.82 5.67
CA THR A 457 -6.71 21.73 5.87
C THR A 457 -6.58 22.11 7.36
N LYS A 458 -7.71 22.40 8.01
CA LYS A 458 -7.67 22.67 9.44
C LYS A 458 -7.16 21.45 10.24
N LYS A 459 -7.68 20.25 9.97
CA LYS A 459 -7.31 19.04 10.74
C LYS A 459 -5.93 18.43 10.39
N SER A 460 -5.47 18.65 9.17
CA SER A 460 -4.25 18.04 8.69
C SER A 460 -3.44 19.02 7.86
N PRO A 461 -2.93 20.09 8.52
CA PRO A 461 -2.22 21.12 7.75
C PRO A 461 -0.96 20.58 7.11
N SER A 462 -0.63 21.12 5.95
CA SER A 462 0.64 20.87 5.32
C SER A 462 1.77 21.28 6.26
N PRO A 463 2.85 20.46 6.34
CA PRO A 463 4.00 20.88 7.15
C PRO A 463 4.78 22.08 6.57
N GLU A 464 4.60 22.35 5.27
N GLU A 464 4.61 22.37 5.28
CA GLU A 464 5.36 23.41 4.56
CA GLU A 464 5.32 23.47 4.66
C GLU A 464 4.61 24.66 4.11
C GLU A 464 4.48 24.73 4.55
N PHE A 465 3.28 24.59 3.97
CA PHE A 465 2.53 25.75 3.48
C PHE A 465 1.27 26.06 4.28
N SER A 466 1.18 27.31 4.70
CA SER A 466 -0.01 27.81 5.41
C SER A 466 -1.21 27.68 4.48
N GLY A 467 -2.33 27.21 5.04
CA GLY A 467 -3.60 27.26 4.33
C GLY A 467 -3.78 26.15 3.31
N MET A 468 -2.85 25.19 3.35
CA MET A 468 -2.88 23.97 2.51
C MET A 468 -2.90 22.71 3.38
N PRO A 469 -3.49 21.63 2.87
CA PRO A 469 -3.51 20.36 3.57
C PRO A 469 -2.28 19.49 3.28
N ARG A 470 -2.03 18.54 4.17
CA ARG A 470 -0.99 17.53 3.95
C ARG A 470 -1.44 16.57 2.84
N ILE A 471 -0.57 16.37 1.86
CA ILE A 471 -0.76 15.26 0.90
C ILE A 471 0.54 14.45 0.92
N SER A 472 0.44 13.14 1.10
CA SER A 472 1.64 12.33 1.24
C SER A 472 2.09 11.79 -0.11
N LYS A 473 3.36 11.41 -0.14
N LYS A 473 3.36 11.45 -0.21
CA LYS A 473 3.92 10.58 -1.23
CA LYS A 473 3.81 10.71 -1.39
C LYS A 473 3.22 9.22 -1.28
C LYS A 473 3.24 9.28 -1.32
N LEU A 474 3.11 8.65 -2.48
CA LEU A 474 2.72 7.25 -2.58
C LEU A 474 3.83 6.39 -2.03
N GLY A 475 3.47 5.46 -1.14
CA GLY A 475 4.36 4.34 -0.74
C GLY A 475 3.94 3.13 -1.50
N SER A 476 3.67 2.03 -0.79
CA SER A 476 3.22 0.82 -1.50
C SER A 476 2.44 -0.03 -0.53
N GLY A 477 2.33 -1.33 -0.81
CA GLY A 477 1.44 -2.16 0.01
C GLY A 477 0.02 -2.07 -0.52
N ASN A 478 -0.12 -1.66 -1.79
CA ASN A 478 -1.46 -1.69 -2.37
C ASN A 478 -1.44 -1.70 -3.89
N ASP A 479 -2.61 -1.79 -4.55
CA ASP A 479 -2.67 -2.18 -5.98
C ASP A 479 -2.23 -1.13 -6.98
N PHE A 480 -1.98 0.10 -6.52
CA PHE A 480 -1.36 1.09 -7.42
C PHE A 480 0.11 0.80 -7.72
N GLU A 481 0.76 -0.11 -6.97
CA GLU A 481 2.24 -0.23 -7.08
C GLU A 481 2.69 -0.51 -8.55
N VAL A 482 2.02 -1.47 -9.22
CA VAL A 482 2.46 -1.79 -10.58
C VAL A 482 2.21 -0.58 -11.51
N PHE A 483 1.08 0.10 -11.34
CA PHE A 483 0.76 1.21 -12.25
C PHE A 483 1.75 2.38 -12.06
N PHE A 484 2.09 2.66 -10.82
CA PHE A 484 2.91 3.85 -10.49
C PHE A 484 4.42 3.58 -10.56
N GLN A 485 4.91 2.72 -9.67
CA GLN A 485 6.37 2.45 -9.59
C GLN A 485 6.93 1.59 -10.73
N ARG A 486 6.15 0.67 -11.29
CA ARG A 486 6.63 -0.08 -12.46
C ARG A 486 6.37 0.64 -13.78
N LEU A 487 5.11 1.05 -14.00
CA LEU A 487 4.71 1.53 -15.33
C LEU A 487 4.74 3.08 -15.47
N GLY A 488 4.80 3.83 -14.36
CA GLY A 488 4.88 5.31 -14.47
C GLY A 488 3.59 5.97 -14.89
N ILE A 489 2.45 5.44 -14.40
CA ILE A 489 1.13 6.08 -14.63
C ILE A 489 0.79 6.87 -13.39
N ALA A 490 0.46 8.16 -13.57
CA ALA A 490 0.05 9.05 -12.50
C ALA A 490 -0.99 8.37 -11.62
N SER A 491 -0.76 8.33 -10.30
CA SER A 491 -1.64 7.53 -9.45
C SER A 491 -2.02 8.31 -8.19
N GLY A 492 -3.18 7.99 -7.62
CA GLY A 492 -3.60 8.67 -6.39
C GLY A 492 -4.51 7.80 -5.55
N ARG A 493 -4.71 8.20 -4.30
CA ARG A 493 -5.67 7.52 -3.44
C ARG A 493 -6.17 8.47 -2.39
N ALA A 494 -7.35 8.17 -1.84
CA ALA A 494 -7.92 9.04 -0.78
C ALA A 494 -8.75 8.16 0.13
N ARG A 495 -8.79 8.50 1.42
N ARG A 495 -8.77 8.46 1.44
CA ARG A 495 -9.64 7.77 2.35
CA ARG A 495 -9.61 7.73 2.37
C ARG A 495 -9.84 8.66 3.56
C ARG A 495 -9.85 8.66 3.56
N TYR A 496 -10.73 8.26 4.47
CA TYR A 496 -10.86 8.93 5.73
C TYR A 496 -9.97 8.22 6.73
N THR A 497 -9.38 9.01 7.62
CA THR A 497 -8.35 8.51 8.52
C THR A 497 -8.56 9.07 9.95
N LYS A 498 -7.75 8.58 10.89
CA LYS A 498 -7.84 9.00 12.28
C LYS A 498 -6.93 10.22 12.54
N ASN A 499 -7.02 10.76 13.74
CA ASN A 499 -6.10 11.80 14.21
C ASN A 499 -4.86 11.08 14.67
N TRP A 500 -3.78 11.23 13.89
CA TRP A 500 -2.54 10.51 14.17
C TRP A 500 -1.79 11.06 15.38
N GLU A 501 -2.31 12.14 15.99
CA GLU A 501 -1.63 12.82 17.08
C GLU A 501 -2.27 12.53 18.44
N THR A 502 -3.44 11.92 18.44
CA THR A 502 -4.07 11.46 19.69
C THR A 502 -3.99 9.93 19.82
N ASN A 503 -3.64 9.25 18.71
CA ASN A 503 -3.38 7.81 18.72
C ASN A 503 -1.87 7.43 18.78
N SER A 506 -0.72 3.65 13.72
CA SER A 506 -0.71 2.19 13.47
C SER A 506 -2.02 1.63 12.83
N GLY A 507 -2.39 2.14 11.66
CA GLY A 507 -3.64 1.75 10.98
C GLY A 507 -4.85 1.80 11.91
N TYR A 508 -5.63 0.71 11.93
CA TYR A 508 -6.75 0.61 12.86
C TYR A 508 -6.62 -0.73 13.58
N PRO A 509 -7.14 -0.83 14.80
CA PRO A 509 -6.80 -1.99 15.63
C PRO A 509 -7.22 -3.34 15.11
N LEU A 510 -8.35 -3.41 14.44
CA LEU A 510 -8.93 -4.73 14.08
C LEU A 510 -8.51 -5.22 12.69
N TYR A 511 -7.55 -4.52 12.11
CA TYR A 511 -7.01 -4.85 10.78
C TYR A 511 -6.65 -6.33 10.66
N HIS A 512 -7.23 -6.99 9.66
CA HIS A 512 -6.94 -8.41 9.28
C HIS A 512 -7.34 -9.48 10.31
N SER A 513 -8.20 -9.08 11.27
CA SER A 513 -8.78 -9.96 12.27
C SER A 513 -10.24 -10.37 11.85
N VAL A 514 -10.70 -11.52 12.37
CA VAL A 514 -12.11 -11.94 12.18
C VAL A 514 -13.09 -10.81 12.68
N TYR A 515 -12.61 -9.89 13.51
CA TYR A 515 -13.52 -8.88 14.12
C TYR A 515 -13.77 -7.72 13.19
N GLU A 516 -13.04 -7.68 12.05
CA GLU A 516 -13.23 -6.59 11.13
C GLU A 516 -14.47 -6.87 10.27
N THR A 517 -15.63 -6.45 10.75
CA THR A 517 -16.91 -6.83 10.17
C THR A 517 -17.73 -5.62 9.69
N TYR A 518 -18.86 -5.89 9.06
CA TYR A 518 -19.82 -4.86 8.77
C TYR A 518 -20.24 -4.09 10.04
N GLU A 519 -20.49 -4.82 11.12
CA GLU A 519 -20.94 -4.18 12.38
C GLU A 519 -19.90 -3.22 12.91
N LEU A 520 -18.63 -3.61 12.77
CA LEU A 520 -17.53 -2.73 13.20
C LEU A 520 -17.68 -1.35 12.54
N VAL A 521 -17.87 -1.36 11.23
CA VAL A 521 -18.05 -0.10 10.47
C VAL A 521 -19.36 0.66 10.82
N GLU A 522 -20.47 -0.08 10.75
CA GLU A 522 -21.79 0.48 11.00
C GLU A 522 -21.93 1.00 12.43
N LYS A 523 -21.33 0.31 13.42
CA LYS A 523 -21.55 0.72 14.80
C LYS A 523 -20.53 1.79 15.23
N PHE A 524 -19.27 1.64 14.83
CA PHE A 524 -18.20 2.46 15.42
C PHE A 524 -17.56 3.48 14.48
N TYR A 525 -17.43 3.16 13.19
CA TYR A 525 -16.70 4.05 12.28
C TYR A 525 -17.56 5.08 11.60
N ASP A 526 -18.71 4.65 11.06
CA ASP A 526 -19.42 5.52 10.08
C ASP A 526 -20.89 5.16 10.01
N PRO A 527 -21.61 5.36 11.13
CA PRO A 527 -22.98 4.83 11.16
C PRO A 527 -23.88 5.47 10.10
N MET A 528 -23.62 6.72 9.74
N MET A 528 -23.59 6.73 9.75
CA MET A 528 -24.45 7.40 8.73
CA MET A 528 -24.37 7.48 8.76
C MET A 528 -23.88 7.22 7.31
C MET A 528 -23.87 7.22 7.32
N PHE A 529 -22.73 6.56 7.21
CA PHE A 529 -22.06 6.34 5.91
C PHE A 529 -21.71 7.64 5.20
N LYS A 530 -21.60 8.71 5.99
CA LYS A 530 -21.24 10.02 5.42
C LYS A 530 -19.75 10.11 5.07
N TYR A 531 -18.88 9.44 5.84
CA TYR A 531 -17.46 9.44 5.47
C TYR A 531 -17.27 8.60 4.22
N HIS A 532 -17.99 7.49 4.13
CA HIS A 532 -17.91 6.66 2.88
C HIS A 532 -18.36 7.50 1.70
N LEU A 533 -19.47 8.19 1.88
CA LEU A 533 -19.99 9.04 0.80
C LEU A 533 -18.97 10.10 0.38
N THR A 534 -18.38 10.81 1.36
CA THR A 534 -17.29 11.77 1.06
C THR A 534 -16.14 11.13 0.27
N VAL A 535 -15.69 9.98 0.70
CA VAL A 535 -14.64 9.28 -0.02
C VAL A 535 -15.08 8.91 -1.46
N ALA A 536 -16.34 8.48 -1.63
CA ALA A 536 -16.86 8.19 -2.99
C ALA A 536 -16.83 9.46 -3.86
N GLN A 537 -17.21 10.58 -3.28
CA GLN A 537 -17.15 11.86 -3.99
C GLN A 537 -15.71 12.26 -4.40
N VAL A 538 -14.74 12.07 -3.49
CA VAL A 538 -13.35 12.39 -3.80
C VAL A 538 -12.83 11.43 -4.88
N ARG A 539 -12.95 10.10 -4.69
CA ARG A 539 -12.41 9.17 -5.69
C ARG A 539 -13.14 9.33 -7.03
N GLY A 540 -14.46 9.32 -6.95
CA GLY A 540 -15.32 9.43 -8.14
C GLY A 540 -15.12 10.77 -8.88
N GLY A 541 -15.05 11.86 -8.12
CA GLY A 541 -14.75 13.18 -8.67
C GLY A 541 -13.38 13.28 -9.35
N MET A 542 -12.35 12.67 -8.75
CA MET A 542 -11.02 12.61 -9.38
C MET A 542 -11.12 11.87 -10.71
N VAL A 543 -11.80 10.73 -10.71
CA VAL A 543 -11.96 9.93 -11.93
C VAL A 543 -12.71 10.73 -12.96
N PHE A 544 -13.79 11.40 -12.52
CA PHE A 544 -14.61 12.18 -13.43
C PHE A 544 -13.76 13.25 -14.11
N GLU A 545 -12.99 14.00 -13.32
CA GLU A 545 -12.18 15.10 -13.89
C GLU A 545 -11.10 14.53 -14.82
N LEU A 546 -10.42 13.47 -14.36
CA LEU A 546 -9.36 12.83 -15.19
C LEU A 546 -9.96 12.34 -16.54
N ALA A 547 -11.19 11.83 -16.51
CA ALA A 547 -11.78 11.24 -17.72
C ALA A 547 -12.49 12.25 -18.61
N ASN A 548 -12.80 13.43 -18.06
CA ASN A 548 -13.66 14.34 -18.80
C ASN A 548 -13.11 15.73 -19.09
N SER A 549 -12.11 16.16 -18.32
N SER A 549 -12.11 16.17 -18.32
CA SER A 549 -11.53 17.48 -18.52
CA SER A 549 -11.55 17.53 -18.53
C SER A 549 -10.95 17.51 -19.92
C SER A 549 -10.87 17.56 -19.87
N ILE A 550 -11.14 18.62 -20.62
CA ILE A 550 -10.56 18.72 -21.97
C ILE A 550 -9.04 18.67 -21.92
N VAL A 551 -8.47 19.52 -21.08
CA VAL A 551 -7.03 19.45 -20.79
C VAL A 551 -6.87 18.55 -19.55
N LEU A 552 -5.98 17.56 -19.61
CA LEU A 552 -5.73 16.71 -18.42
C LEU A 552 -5.43 17.55 -17.17
N PRO A 553 -6.04 17.19 -16.02
CA PRO A 553 -5.95 18.07 -14.85
C PRO A 553 -4.68 17.77 -14.01
N PHE A 554 -3.52 17.91 -14.66
CA PHE A 554 -2.20 17.66 -14.05
C PHE A 554 -1.47 19.00 -14.09
N ASP A 555 -0.84 19.39 -12.99
CA ASP A 555 -0.03 20.62 -13.04
C ASP A 555 1.45 20.22 -12.88
N CYS A 556 2.20 20.28 -13.98
N CYS A 556 2.21 20.31 -13.97
CA CYS A 556 3.61 19.92 -13.94
CA CYS A 556 3.62 19.93 -13.95
C CYS A 556 4.38 20.76 -12.97
C CYS A 556 4.50 20.86 -13.13
N ARG A 557 3.96 22.02 -12.73
CA ARG A 557 4.72 22.89 -11.83
C ARG A 557 4.78 22.32 -10.37
N ASP A 558 3.76 21.56 -9.98
CA ASP A 558 3.77 20.94 -8.64
C ASP A 558 4.89 19.87 -8.54
N TYR A 559 5.20 19.21 -9.65
CA TYR A 559 6.33 18.27 -9.61
C TYR A 559 7.61 19.07 -9.41
N ALA A 560 7.71 20.25 -10.04
CA ALA A 560 8.96 21.02 -9.91
C ALA A 560 9.23 21.38 -8.44
N VAL A 561 8.18 21.82 -7.74
CA VAL A 561 8.30 22.22 -6.34
C VAL A 561 8.78 21.01 -5.49
N VAL A 562 8.16 19.84 -5.68
CA VAL A 562 8.55 18.71 -4.83
C VAL A 562 9.93 18.20 -5.18
N LEU A 563 10.30 18.24 -6.47
CA LEU A 563 11.65 17.77 -6.85
C LEU A 563 12.74 18.55 -6.11
N ARG A 564 12.51 19.86 -5.93
CA ARG A 564 13.46 20.71 -5.23
C ARG A 564 13.47 20.35 -3.75
N LYS A 565 12.29 20.14 -3.14
CA LYS A 565 12.22 19.64 -1.78
C LYS A 565 13.01 18.31 -1.63
N TYR A 566 12.78 17.36 -2.55
CA TYR A 566 13.50 16.07 -2.41
C TYR A 566 15.01 16.21 -2.68
N ALA A 567 15.38 17.12 -3.57
CA ALA A 567 16.80 17.33 -3.82
C ALA A 567 17.48 17.93 -2.57
N ASP A 568 16.84 18.94 -1.96
CA ASP A 568 17.32 19.48 -0.68
C ASP A 568 17.49 18.37 0.38
N LYS A 569 16.49 17.49 0.43
CA LYS A 569 16.48 16.47 1.43
C LYS A 569 17.63 15.50 1.23
N ILE A 570 17.79 15.01 0.00
CA ILE A 570 18.87 14.02 -0.23
C ILE A 570 20.28 14.66 -0.08
N TYR A 571 20.42 15.90 -0.55
CA TYR A 571 21.66 16.63 -0.33
C TYR A 571 21.95 16.75 1.20
N SER A 572 20.94 17.05 2.01
CA SER A 572 21.15 17.22 3.45
C SER A 572 21.62 15.91 4.10
N ILE A 573 21.13 14.76 3.61
CA ILE A 573 21.61 13.47 4.11
C ILE A 573 23.10 13.32 3.81
N SER A 574 23.47 13.59 2.56
CA SER A 574 24.86 13.42 2.14
C SER A 574 25.74 14.34 2.90
N MET A 575 25.24 15.54 3.21
N MET A 575 25.22 15.54 3.18
CA MET A 575 26.08 16.55 3.87
CA MET A 575 25.93 16.61 3.89
C MET A 575 26.39 16.27 5.33
C MET A 575 26.41 16.26 5.30
N LYS A 576 25.86 15.19 5.87
CA LYS A 576 26.31 14.66 7.16
C LYS A 576 27.72 14.07 7.03
N HIS A 577 28.22 13.91 5.79
CA HIS A 577 29.55 13.31 5.51
C HIS A 577 30.46 14.21 4.69
N PRO A 578 30.77 15.42 5.22
CA PRO A 578 31.50 16.43 4.43
C PRO A 578 32.89 15.97 4.00
N GLN A 579 33.61 15.26 4.87
CA GLN A 579 34.97 14.79 4.53
C GLN A 579 34.94 13.84 3.33
N GLU A 580 33.98 12.90 3.33
CA GLU A 580 33.86 11.99 2.21
C GLU A 580 33.41 12.70 0.94
N MET A 581 32.51 13.68 1.06
CA MET A 581 32.12 14.42 -0.15
C MET A 581 33.32 15.16 -0.74
N LYS A 582 34.21 15.67 0.12
CA LYS A 582 35.43 16.33 -0.37
C LYS A 582 36.36 15.30 -1.03
N THR A 583 36.60 14.21 -0.32
CA THR A 583 37.55 13.17 -0.75
C THR A 583 37.18 12.58 -2.08
N TYR A 584 35.90 12.25 -2.23
CA TYR A 584 35.40 11.60 -3.44
C TYR A 584 34.75 12.56 -4.43
N SER A 585 34.83 13.87 -4.16
CA SER A 585 34.32 14.87 -5.12
C SER A 585 32.84 14.60 -5.44
N VAL A 586 32.03 14.45 -4.39
CA VAL A 586 30.63 14.08 -4.56
C VAL A 586 29.88 15.41 -4.65
N SER A 587 29.35 15.72 -5.84
CA SER A 587 28.58 16.95 -6.05
C SER A 587 27.13 16.66 -6.40
N PHE A 588 26.23 17.45 -5.82
CA PHE A 588 24.80 17.43 -6.21
C PHE A 588 24.47 18.52 -7.24
N ASP A 589 25.49 19.20 -7.78
CA ASP A 589 25.25 20.27 -8.74
C ASP A 589 24.38 19.88 -9.92
N SER A 590 24.68 18.72 -10.50
CA SER A 590 23.93 18.23 -11.66
C SER A 590 22.46 17.99 -11.35
N LEU A 591 22.16 17.48 -10.16
CA LEU A 591 20.76 17.25 -9.81
C LEU A 591 20.04 18.60 -9.61
N PHE A 592 20.67 19.55 -8.89
CA PHE A 592 19.98 20.84 -8.70
C PHE A 592 19.81 21.55 -10.02
N SER A 593 20.82 21.41 -10.91
CA SER A 593 20.73 21.99 -12.24
C SER A 593 19.52 21.40 -12.98
N ALA A 594 19.41 20.06 -12.95
CA ALA A 594 18.26 19.40 -13.60
C ALA A 594 16.91 19.89 -13.02
N VAL A 595 16.86 20.05 -11.71
CA VAL A 595 15.63 20.48 -11.01
C VAL A 595 15.30 21.94 -11.39
N LYS A 596 16.33 22.77 -11.46
CA LYS A 596 16.17 24.16 -11.91
C LYS A 596 15.62 24.20 -13.33
N ASN A 597 16.18 23.37 -14.24
CA ASN A 597 15.72 23.31 -15.60
C ASN A 597 14.26 22.80 -15.68
N PHE A 598 13.95 21.76 -14.90
CA PHE A 598 12.61 21.24 -14.83
C PHE A 598 11.65 22.40 -14.46
N THR A 599 12.03 23.20 -13.46
CA THR A 599 11.17 24.28 -12.98
C THR A 599 10.92 25.29 -14.11
N GLU A 600 12.01 25.68 -14.80
CA GLU A 600 11.90 26.61 -15.94
C GLU A 600 11.05 26.09 -17.10
N ILE A 601 11.33 24.86 -17.53
CA ILE A 601 10.59 24.27 -18.63
C ILE A 601 9.13 24.02 -18.27
N ALA A 602 8.87 23.54 -17.05
CA ALA A 602 7.47 23.36 -16.62
C ALA A 602 6.70 24.70 -16.63
N SER A 603 7.37 25.76 -16.20
N SER A 603 7.36 25.76 -16.21
CA SER A 603 6.72 27.06 -16.14
CA SER A 603 6.72 27.08 -16.15
C SER A 603 6.35 27.50 -17.57
C SER A 603 6.38 27.57 -17.55
N LYS A 604 7.28 27.35 -18.50
CA LYS A 604 6.99 27.67 -19.90
C LYS A 604 5.91 26.80 -20.54
N PHE A 605 5.94 25.50 -20.25
CA PHE A 605 4.91 24.61 -20.70
C PHE A 605 3.51 25.05 -20.17
N SER A 606 3.44 25.42 -18.88
CA SER A 606 2.18 25.90 -18.29
C SER A 606 1.61 27.12 -19.04
N GLU A 607 2.50 28.08 -19.38
CA GLU A 607 2.11 29.26 -20.17
C GLU A 607 1.53 28.82 -21.52
N ARG A 608 2.22 27.90 -22.22
CA ARG A 608 1.70 27.41 -23.51
C ARG A 608 0.36 26.71 -23.36
N LEU A 609 0.21 25.99 -22.25
CA LEU A 609 -1.01 25.22 -22.00
C LEU A 609 -2.20 26.16 -21.83
N GLN A 610 -1.92 27.33 -21.31
N GLN A 610 -1.93 27.33 -21.26
CA GLN A 610 -2.96 28.27 -21.04
CA GLN A 610 -2.99 28.31 -21.02
C GLN A 610 -3.31 29.05 -22.31
C GLN A 610 -2.98 29.43 -22.07
N ASP A 611 -2.31 29.17 -23.18
CA ASP A 611 -2.27 30.10 -24.34
C ASP A 611 -2.56 29.50 -25.74
N PHE A 612 -2.84 28.20 -25.86
CA PHE A 612 -3.28 27.60 -27.17
C PHE A 612 -4.83 27.52 -27.31
N SER A 615 -8.77 26.30 -30.22
N SER A 615 -9.97 23.74 -29.37
CA SER A 615 -9.49 25.41 -31.10
CA SER A 615 -10.82 23.09 -30.39
C SER A 615 -8.67 24.21 -31.72
C SER A 615 -10.03 22.58 -31.62
N ASN A 616 -7.41 24.04 -31.32
N ASN A 616 -8.71 22.52 -31.51
CA ASN A 616 -6.58 23.06 -32.06
CA ASN A 616 -7.89 21.88 -32.56
C ASN A 616 -6.42 21.73 -31.35
C ASN A 616 -7.51 20.47 -32.08
N PRO A 617 -7.11 20.68 -31.84
N PRO A 617 -8.22 19.42 -32.57
CA PRO A 617 -7.17 19.43 -31.05
CA PRO A 617 -8.03 18.09 -31.95
C PRO A 617 -5.87 18.64 -31.09
C PRO A 617 -6.58 17.60 -31.91
N ILE A 618 -5.07 18.88 -32.14
N ILE A 618 -5.79 17.84 -32.96
CA ILE A 618 -3.75 18.22 -32.23
CA ILE A 618 -4.39 17.32 -32.93
C ILE A 618 -2.80 18.85 -31.21
C ILE A 618 -3.49 18.11 -32.02
N VAL A 619 -2.79 20.17 -31.14
N VAL A 619 -3.64 19.43 -32.00
CA VAL A 619 -1.98 20.83 -30.14
CA VAL A 619 -2.84 20.24 -31.08
C VAL A 619 -2.44 20.41 -28.74
C VAL A 619 -3.24 19.91 -29.63
N LEU A 620 -3.75 20.34 -28.56
N LEU A 620 -4.54 19.78 -29.36
CA LEU A 620 -4.34 19.89 -27.29
CA LEU A 620 -4.98 19.34 -28.04
C LEU A 620 -3.86 18.50 -26.94
C LEU A 620 -4.37 17.97 -27.68
N ARG A 621 -4.01 17.58 -27.88
N ARG A 621 -4.31 17.09 -28.66
CA ARG A 621 -3.71 16.18 -27.67
CA ARG A 621 -3.78 15.76 -28.40
C ARG A 621 -2.22 16.04 -27.57
C ARG A 621 -2.28 15.76 -27.97
N MET A 622 -1.49 16.73 -28.44
CA MET A 622 0.00 16.81 -28.20
C MET A 622 0.26 17.27 -26.78
N MET A 623 -0.45 18.32 -26.33
CA MET A 623 -0.16 18.79 -24.98
C MET A 623 -0.67 17.81 -23.92
N ASN A 624 -1.82 17.19 -24.18
CA ASN A 624 -2.30 16.15 -23.24
C ASN A 624 -1.35 14.97 -23.20
N ASP A 625 -0.77 14.62 -24.35
CA ASP A 625 0.20 13.54 -24.37
C ASP A 625 1.42 13.93 -23.55
N GLN A 626 1.86 15.20 -23.65
CA GLN A 626 3.03 15.62 -22.85
C GLN A 626 2.66 15.54 -21.38
N LEU A 627 1.43 15.94 -21.04
CA LEU A 627 0.96 15.75 -19.66
C LEU A 627 0.92 14.28 -19.21
N MET A 628 0.37 13.43 -20.07
N MET A 628 0.36 13.40 -20.04
CA MET A 628 0.20 12.01 -19.74
CA MET A 628 0.25 11.99 -19.69
C MET A 628 1.57 11.32 -19.61
C MET A 628 1.62 11.37 -19.54
N PHE A 629 2.50 11.63 -20.52
CA PHE A 629 3.81 10.98 -20.52
C PHE A 629 4.81 11.55 -19.54
N LEU A 630 4.40 12.60 -18.81
CA LEU A 630 5.34 13.21 -17.89
C LEU A 630 5.65 12.26 -16.71
N GLU A 631 4.63 11.72 -16.06
CA GLU A 631 4.90 10.69 -15.04
C GLU A 631 5.75 9.55 -15.68
N ARG A 632 5.40 9.19 -16.90
CA ARG A 632 6.09 8.09 -17.59
C ARG A 632 7.59 8.37 -17.73
N ALA A 633 7.94 9.64 -17.85
CA ALA A 633 9.34 10.00 -18.12
C ALA A 633 10.21 9.71 -16.93
N PHE A 634 9.62 9.53 -15.73
CA PHE A 634 10.46 9.20 -14.56
C PHE A 634 10.84 7.75 -14.44
N ILE A 635 10.33 6.94 -15.34
CA ILE A 635 10.67 5.55 -15.40
C ILE A 635 12.07 5.35 -16.02
N ASP A 636 12.91 4.54 -15.37
CA ASP A 636 14.17 4.10 -15.91
C ASP A 636 13.98 2.63 -16.29
N PRO A 637 14.15 2.29 -17.58
CA PRO A 637 13.86 0.90 -17.95
C PRO A 637 14.85 -0.11 -17.34
N LEU A 638 15.96 0.35 -16.79
CA LEU A 638 16.87 -0.62 -16.12
C LEU A 638 16.50 -0.88 -14.63
N GLY A 639 15.51 -0.12 -14.12
CA GLY A 639 15.04 -0.31 -12.74
C GLY A 639 16.03 0.25 -11.72
N LEU A 640 15.71 0.12 -10.45
CA LEU A 640 16.62 0.46 -9.38
C LEU A 640 17.47 -0.75 -9.04
N PRO A 641 18.64 -0.54 -8.38
CA PRO A 641 19.54 -1.63 -8.11
C PRO A 641 18.88 -2.81 -7.42
N ASP A 642 19.00 -3.99 -8.05
CA ASP A 642 18.43 -5.25 -7.56
C ASP A 642 16.92 -5.25 -7.36
N ARG A 643 16.24 -4.23 -7.87
CA ARG A 643 14.76 -4.15 -7.82
C ARG A 643 14.26 -3.73 -9.20
N PRO A 644 14.33 -4.66 -10.13
CA PRO A 644 14.00 -4.30 -11.51
C PRO A 644 12.57 -3.85 -11.77
N PHE A 645 11.62 -4.18 -10.87
CA PHE A 645 10.21 -3.71 -11.05
C PHE A 645 9.88 -2.42 -10.34
N TYR A 646 10.88 -1.84 -9.68
CA TYR A 646 10.71 -0.47 -9.18
C TYR A 646 11.54 0.39 -10.12
N ARG A 647 10.86 1.04 -11.07
CA ARG A 647 11.53 1.70 -12.20
C ARG A 647 11.45 3.22 -12.08
N HIS A 648 10.60 3.71 -11.16
CA HIS A 648 10.36 5.17 -11.08
C HIS A 648 11.60 5.72 -10.31
N VAL A 649 12.25 6.76 -10.84
CA VAL A 649 13.51 7.23 -10.23
C VAL A 649 13.23 8.22 -9.07
N ILE A 650 12.05 8.83 -9.06
CA ILE A 650 11.76 9.78 -7.97
C ILE A 650 11.19 9.06 -6.77
N TYR A 651 10.34 8.05 -6.99
CA TYR A 651 9.65 7.39 -5.88
C TYR A 651 9.80 5.89 -5.90
N ALA A 652 10.18 5.29 -4.77
CA ALA A 652 10.04 3.80 -4.67
C ALA A 652 9.60 3.48 -3.27
N PRO A 653 9.02 2.29 -3.05
CA PRO A 653 8.73 1.88 -1.68
C PRO A 653 10.05 1.82 -0.92
N SER A 654 10.07 2.24 0.34
CA SER A 654 11.29 2.24 1.13
C SER A 654 11.83 0.82 1.21
N SER A 655 13.14 0.65 1.03
CA SER A 655 13.75 -0.68 1.16
C SER A 655 13.65 -1.22 2.62
N HIS A 656 13.29 -0.35 3.56
CA HIS A 656 13.10 -0.77 4.95
C HIS A 656 11.65 -0.96 5.36
N ASN A 657 10.72 -0.59 4.47
CA ASN A 657 9.31 -0.58 4.87
C ASN A 657 8.50 -0.34 3.61
N LYS A 658 7.98 -1.42 3.04
CA LYS A 658 7.27 -1.31 1.76
C LYS A 658 6.11 -0.31 1.82
N TYR A 659 5.52 -0.11 2.99
CA TYR A 659 4.40 0.85 3.03
C TYR A 659 4.79 2.32 2.78
N ALA A 660 6.01 2.70 3.15
CA ALA A 660 6.40 4.13 3.08
C ALA A 660 7.05 4.43 1.72
N GLY A 661 6.76 5.60 1.14
CA GLY A 661 7.51 5.99 -0.08
C GLY A 661 8.82 6.64 0.32
N GLU A 662 9.84 6.44 -0.50
CA GLU A 662 11.12 7.13 -0.35
C GLU A 662 11.32 7.98 -1.61
N SER A 663 11.84 9.20 -1.47
CA SER A 663 12.14 10.00 -2.66
C SER A 663 13.59 9.83 -3.04
N PHE A 664 13.93 10.03 -4.32
CA PHE A 664 15.28 9.72 -4.86
C PHE A 664 15.84 8.42 -4.23
N PRO A 665 15.07 7.32 -4.35
CA PRO A 665 15.42 6.09 -3.65
C PRO A 665 16.79 5.53 -4.03
N GLY A 666 17.20 5.69 -5.29
CA GLY A 666 18.51 5.19 -5.69
C GLY A 666 19.63 5.84 -4.89
N ILE A 667 19.54 7.16 -4.76
CA ILE A 667 20.56 7.89 -3.96
C ILE A 667 20.38 7.60 -2.48
N TYR A 668 19.13 7.56 -2.03
CA TYR A 668 18.88 7.31 -0.60
C TYR A 668 19.52 5.99 -0.15
N ASP A 669 19.23 4.93 -0.90
CA ASP A 669 19.80 3.62 -0.55
C ASP A 669 21.35 3.58 -0.68
N ALA A 670 21.91 4.28 -1.67
CA ALA A 670 23.37 4.36 -1.76
C ALA A 670 24.00 5.06 -0.53
N LEU A 671 23.28 6.02 0.04
CA LEU A 671 23.79 6.76 1.24
C LEU A 671 23.47 6.07 2.56
N PHE A 672 22.49 5.17 2.54
N PHE A 672 22.47 5.19 2.57
CA PHE A 672 22.02 4.55 3.78
CA PHE A 672 21.99 4.64 3.83
C PHE A 672 23.12 3.77 4.49
C PHE A 672 23.05 3.77 4.50
N ASP A 673 23.37 4.14 5.74
CA ASP A 673 24.36 3.42 6.58
C ASP A 673 25.72 3.37 5.87
N ILE A 674 26.02 4.39 5.05
CA ILE A 674 27.25 4.37 4.25
C ILE A 674 28.53 4.33 5.12
N GLU A 675 28.47 4.92 6.31
CA GLU A 675 29.63 4.91 7.21
C GLU A 675 30.06 3.52 7.66
N SER A 676 29.22 2.51 7.41
N SER A 676 29.23 2.50 7.43
CA SER A 676 29.51 1.12 7.85
CA SER A 676 29.58 1.14 7.85
C SER A 676 30.03 0.26 6.69
C SER A 676 30.31 0.40 6.74
N LYS A 677 30.13 0.84 5.49
CA LYS A 677 30.62 0.12 4.32
C LYS A 677 32.15 0.01 4.36
N VAL A 678 32.70 -1.17 4.06
N VAL A 678 32.62 -1.18 4.00
CA VAL A 678 34.13 -1.35 4.26
CA VAL A 678 34.04 -1.55 4.12
C VAL A 678 34.99 -0.84 3.08
C VAL A 678 34.90 -0.74 3.15
N ASP A 679 34.37 -0.51 1.95
CA ASP A 679 35.09 0.15 0.85
C ASP A 679 34.40 1.49 0.56
N PRO A 680 34.81 2.55 1.27
CA PRO A 680 34.14 3.83 1.08
C PRO A 680 34.24 4.39 -0.34
N SER A 681 35.38 4.17 -1.01
N SER A 681 35.38 4.15 -1.02
CA SER A 681 35.52 4.65 -2.39
CA SER A 681 35.54 4.64 -2.40
C SER A 681 34.45 4.04 -3.29
C SER A 681 34.49 4.04 -3.32
N LYS A 682 34.26 2.73 -3.19
CA LYS A 682 33.24 2.06 -3.95
C LYS A 682 31.83 2.59 -3.55
N ALA A 683 31.58 2.74 -2.25
CA ALA A 683 30.25 3.18 -1.81
C ALA A 683 29.95 4.59 -2.33
N TRP A 684 30.92 5.49 -2.18
CA TRP A 684 30.70 6.89 -2.62
C TRP A 684 30.64 6.98 -4.15
N GLY A 685 31.36 6.08 -4.82
CA GLY A 685 31.26 5.97 -6.28
C GLY A 685 29.83 5.68 -6.67
N GLU A 686 29.18 4.79 -5.92
CA GLU A 686 27.84 4.41 -6.22
C GLU A 686 26.85 5.55 -5.88
N VAL A 687 27.12 6.31 -4.80
CA VAL A 687 26.33 7.55 -4.56
C VAL A 687 26.39 8.46 -5.78
N LYS A 688 27.61 8.69 -6.28
CA LYS A 688 27.76 9.58 -7.44
C LYS A 688 27.02 9.00 -8.65
N ARG A 689 27.14 7.69 -8.87
CA ARG A 689 26.40 7.09 -9.97
C ARG A 689 24.87 7.36 -9.87
N GLN A 690 24.30 7.24 -8.66
CA GLN A 690 22.87 7.46 -8.49
C GLN A 690 22.51 8.96 -8.66
N ILE A 691 23.44 9.85 -8.27
CA ILE A 691 23.18 11.27 -8.50
C ILE A 691 23.05 11.51 -10.02
N TYR A 692 24.00 10.99 -10.79
CA TYR A 692 23.98 11.07 -12.26
C TYR A 692 22.69 10.51 -12.82
N VAL A 693 22.30 9.32 -12.38
CA VAL A 693 21.04 8.73 -12.91
C VAL A 693 19.83 9.64 -12.62
N ALA A 694 19.80 10.16 -11.38
CA ALA A 694 18.69 11.00 -11.00
C ALA A 694 18.68 12.32 -11.75
N ALA A 695 19.84 13.00 -11.84
CA ALA A 695 19.96 14.28 -12.60
C ALA A 695 19.51 14.05 -14.06
N PHE A 696 20.05 12.98 -14.66
CA PHE A 696 19.72 12.69 -16.03
C PHE A 696 18.20 12.48 -16.18
N THR A 697 17.60 11.73 -15.27
CA THR A 697 16.16 11.39 -15.44
C THR A 697 15.33 12.66 -15.26
N VAL A 698 15.70 13.48 -14.27
CA VAL A 698 14.94 14.75 -14.08
C VAL A 698 15.06 15.63 -15.31
N GLN A 699 16.27 15.73 -15.86
CA GLN A 699 16.43 16.55 -17.07
C GLN A 699 15.65 15.95 -18.25
N ALA A 700 15.72 14.62 -18.39
CA ALA A 700 15.00 13.96 -19.50
C ALA A 700 13.49 14.17 -19.40
N ALA A 701 12.94 14.09 -18.18
CA ALA A 701 11.51 14.34 -17.96
C ALA A 701 11.19 15.78 -18.32
N ALA A 702 12.03 16.72 -17.86
CA ALA A 702 11.85 18.12 -18.20
C ALA A 702 11.73 18.32 -19.72
N GLU A 703 12.64 17.67 -20.47
CA GLU A 703 12.73 17.86 -21.89
C GLU A 703 11.50 17.33 -22.59
N THR A 704 10.77 16.40 -21.98
CA THR A 704 9.46 15.99 -22.58
C THR A 704 8.40 17.10 -22.61
N LEU A 705 8.64 18.16 -21.80
CA LEU A 705 7.74 19.31 -21.72
C LEU A 705 8.22 20.48 -22.60
N SER A 706 9.44 20.37 -23.15
CA SER A 706 9.90 21.38 -24.13
C SER A 706 9.03 21.35 -25.36
N GLU A 707 9.08 22.42 -26.15
CA GLU A 707 8.46 22.37 -27.50
C GLU A 707 9.02 21.15 -28.24
N VAL A 708 8.12 20.45 -28.91
CA VAL A 708 8.41 19.09 -29.41
C VAL A 708 9.30 19.13 -30.67
N ALA A 709 9.39 20.30 -31.33
CA ALA A 709 10.21 20.46 -32.55
C ALA A 709 10.37 21.94 -32.82
C1 NAG B . -25.70 -9.62 -2.52
C2 NAG B . -26.48 -10.80 -1.97
C3 NAG B . -26.81 -11.76 -3.12
C4 NAG B . -27.51 -11.05 -4.28
C5 NAG B . -26.73 -9.79 -4.67
C6 NAG B . -27.39 -8.97 -5.77
C7 NAG B . -25.95 -11.41 0.30
C8 NAG B . -25.04 -12.22 1.17
N2 NAG B . -25.69 -11.51 -1.00
O3 NAG B . -27.66 -12.75 -2.62
O4 NAG B . -27.48 -11.99 -5.34
O5 NAG B . -26.51 -8.99 -3.51
O6 NAG B . -28.69 -8.60 -5.33
O7 NAG B . -26.83 -10.72 0.81
C1 NAG B . -28.80 -12.17 -5.91
C2 NAG B . -28.65 -12.69 -7.33
C3 NAG B . -29.99 -13.16 -7.96
C4 NAG B . -30.85 -13.98 -6.98
C5 NAG B . -30.90 -13.29 -5.61
C6 NAG B . -31.62 -14.15 -4.56
C7 NAG B . -26.77 -11.76 -8.66
C8 NAG B . -25.87 -12.84 -8.16
N2 NAG B . -28.04 -11.74 -8.23
O3 NAG B . -29.67 -13.93 -9.09
O4 NAG B . -32.15 -14.25 -7.51
O5 NAG B . -29.57 -13.07 -5.13
O6 NAG B . -30.77 -15.25 -4.30
O7 NAG B . -26.31 -10.91 -9.45
C1 NAG C . -2.25 -31.73 5.60
C2 NAG C . -1.54 -32.33 4.41
C3 NAG C . -1.76 -33.84 4.23
C4 NAG C . -1.95 -34.59 5.55
C5 NAG C . -2.77 -33.76 6.57
C6 NAG C . -3.01 -34.45 7.92
C7 NAG C . -1.14 -30.87 2.52
C8 NAG C . 0.34 -30.97 2.83
N2 NAG C . -1.99 -31.55 3.28
O3 NAG C . -0.63 -34.33 3.54
O4 NAG C . -2.56 -35.86 5.32
O5 NAG C . -2.14 -32.50 6.77
O6 NAG C . -1.83 -34.50 8.69
O7 NAG C . -1.51 -30.18 1.58
C1 NAG C . -1.67 -37.00 5.55
C2 NAG C . -2.53 -38.23 5.85
C3 NAG C . -1.65 -39.46 6.04
C4 NAG C . -0.81 -39.69 4.79
C5 NAG C . 0.07 -38.44 4.61
C6 NAG C . 0.97 -38.54 3.39
C7 NAG C . -4.59 -37.70 7.06
C8 NAG C . -5.26 -37.55 8.40
N2 NAG C . -3.30 -38.05 7.08
O3 NAG C . -2.47 -40.57 6.33
O4 NAG C . -0.06 -40.89 4.91
O5 NAG C . -0.71 -37.24 4.52
O6 NAG C . 1.92 -37.52 3.49
O7 NAG C . -5.22 -37.51 6.02
C1 FUC C . -1.91 -35.60 9.63
C2 FUC C . -0.55 -36.31 9.80
C3 FUC C . 0.42 -35.30 10.42
C4 FUC C . -0.16 -34.84 11.77
C5 FUC C . -1.56 -34.23 11.55
C6 FUC C . -2.27 -33.77 12.83
O2 FUC C . -0.07 -36.88 8.60
O3 FUC C . 1.72 -35.83 10.58
O4 FUC C . -0.20 -35.97 12.63
O5 FUC C . -2.40 -35.16 10.89
C1 NAG D . -0.46 -28.59 23.18
C2 NAG D . -0.90 -29.36 24.43
C3 NAG D . -0.24 -30.73 24.48
C4 NAG D . -0.41 -31.51 23.17
C5 NAG D . -0.05 -30.62 21.94
C6 NAG D . -0.44 -31.33 20.65
C7 NAG D . -1.37 -28.04 26.42
C8 NAG D . -0.87 -27.37 27.67
N2 NAG D . -0.50 -28.66 25.64
O3 NAG D . -0.82 -31.44 25.55
O4 NAG D . 0.47 -32.62 23.19
O5 NAG D . -0.71 -29.35 21.99
O6 NAG D . -1.84 -31.47 20.63
O7 NAG D . -2.56 -28.01 26.15
C1 NAG D . -0.18 -33.83 22.74
C2 NAG D . 0.93 -34.77 22.24
C3 NAG D . 0.42 -36.18 21.93
C4 NAG D . -0.46 -36.72 23.08
C5 NAG D . -1.59 -35.68 23.26
C6 NAG D . -2.73 -36.14 24.17
C7 NAG D . 2.76 -33.56 21.17
C8 NAG D . 3.30 -32.97 19.90
N2 NAG D . 1.57 -34.17 21.08
O3 NAG D . 1.52 -37.05 21.74
O4 NAG D . -0.88 -38.04 22.81
O5 NAG D . -1.02 -34.45 23.72
O6 NAG D . -2.43 -35.78 25.50
O7 NAG D . 3.39 -33.46 22.23
C1 FUC D . -2.27 -31.89 19.31
C2 FUC D . -3.69 -32.45 19.40
C3 FUC D . -4.61 -31.32 19.87
C4 FUC D . -4.52 -30.08 18.94
C5 FUC D . -3.06 -29.70 18.67
C6 FUC D . -2.91 -28.69 17.54
O2 FUC D . -3.64 -33.54 20.28
O3 FUC D . -5.94 -31.77 20.00
O4 FUC D . -5.15 -30.32 17.69
O5 FUC D . -2.28 -30.85 18.35
C1 NAG E . -7.44 24.55 -10.05
C2 NAG E . -6.99 24.28 -11.50
C3 NAG E . -6.20 25.44 -12.05
C4 NAG E . -6.99 26.73 -11.84
C5 NAG E . -7.43 26.88 -10.37
C6 NAG E . -8.29 28.14 -10.07
C7 NAG E . -6.38 22.01 -12.18
C8 NAG E . -7.61 22.05 -12.98
N2 NAG E . -6.13 23.11 -11.51
O3 NAG E . -5.98 25.20 -13.43
O4 NAG E . -6.13 27.79 -12.17
O5 NAG E . -8.20 25.75 -10.00
O6 NAG E . -9.43 28.16 -10.91
O7 NAG E . -5.60 20.99 -12.17
C1 NAG E . -6.76 28.64 -13.12
C2 NAG E . -5.86 29.87 -13.18
C3 NAG E . -6.37 30.86 -14.21
C4 NAG E . -6.67 30.19 -15.57
C5 NAG E . -7.50 28.92 -15.32
C6 NAG E . -7.83 28.15 -16.60
C7 NAG E . -4.73 30.42 -11.09
C8 NAG E . -3.51 29.65 -11.48
N2 NAG E . -5.80 30.48 -11.88
O3 NAG E . -5.42 31.90 -14.32
O4 NAG E . -7.42 31.11 -16.35
O5 NAG E . -6.82 28.07 -14.40
O6 NAG E . -6.67 27.97 -17.39
O7 NAG E . -4.75 30.95 -9.99
C1 BMA E . -6.59 31.77 -17.35
C2 BMA E . -7.37 31.93 -18.66
C3 BMA E . -6.41 32.40 -19.78
C4 BMA E . -5.51 33.60 -19.34
C5 BMA E . -5.12 33.65 -17.85
C6 BMA E . -4.88 35.11 -17.41
O2 BMA E . -8.43 32.86 -18.44
O3 BMA E . -7.12 32.70 -20.99
O4 BMA E . -4.31 33.59 -20.14
O5 BMA E . -6.10 33.06 -16.95
O6 BMA E . -4.50 35.16 -16.03
C1 NAG F . 20.20 22.59 -17.53
C2 NAG F . 21.08 21.39 -17.91
C3 NAG F . 22.41 21.94 -18.44
C4 NAG F . 22.19 22.93 -19.63
C5 NAG F . 21.16 24.01 -19.26
C6 NAG F . 20.74 24.86 -20.48
C7 NAG F . 21.31 19.20 -16.85
C8 NAG F . 21.54 18.46 -15.57
N2 NAG F . 21.27 20.53 -16.75
O3 NAG F . 23.18 20.85 -18.85
O4 NAG F . 23.36 23.68 -19.95
O5 NAG F . 20.03 23.36 -18.73
O6 NAG F . 20.14 26.09 -20.08
O7 NAG F . 21.18 18.62 -17.94
C1 NAG F . 24.29 22.89 -20.69
C2 NAG F . 24.88 23.72 -21.79
C3 NAG F . 26.07 23.07 -22.49
C4 NAG F . 27.07 22.63 -21.42
C5 NAG F . 26.28 21.75 -20.46
C6 NAG F . 27.16 21.03 -19.45
C7 NAG F . 23.48 25.36 -22.88
C8 NAG F . 23.95 26.42 -21.91
N2 NAG F . 23.91 24.09 -22.80
O3 NAG F . 26.59 24.02 -23.39
O4 NAG F . 28.07 21.78 -21.93
O5 NAG F . 25.32 22.54 -19.81
O6 NAG F . 27.61 21.95 -18.48
O7 NAG F . 22.68 25.66 -23.76
C1 BMA F . 29.16 22.53 -22.45
C2 BMA F . 30.44 21.77 -22.10
C3 BMA F . 31.65 22.44 -22.74
C4 BMA F . 31.34 22.64 -24.23
C5 BMA F . 30.04 23.41 -24.43
C6 BMA F . 29.68 23.58 -25.89
O2 BMA F . 30.33 20.36 -22.50
O3 BMA F . 32.76 21.55 -22.56
O4 BMA F . 32.43 23.28 -24.87
O5 BMA F . 28.96 22.69 -23.83
O6 BMA F . 28.38 24.16 -25.92
C1 MAN F . 33.98 22.25 -22.24
C2 MAN F . 35.18 21.32 -22.47
C3 MAN F . 35.18 20.19 -21.43
C4 MAN F . 34.99 20.71 -20.00
C5 MAN F . 33.81 21.68 -19.93
C6 MAN F . 33.49 22.21 -18.52
O2 MAN F . 36.34 22.09 -22.30
O3 MAN F . 36.32 19.36 -21.46
O4 MAN F . 34.75 19.60 -19.15
O5 MAN F . 34.00 22.72 -20.89
O6 MAN F . 34.58 22.98 -18.03
C1 MAN F . 28.19 24.85 -27.19
C2 MAN F . 27.13 25.94 -27.09
C3 MAN F . 25.75 25.37 -26.79
C4 MAN F . 25.41 24.21 -27.74
C5 MAN F . 26.59 23.25 -27.99
C6 MAN F . 26.30 22.38 -29.19
O2 MAN F . 27.08 26.61 -28.34
O3 MAN F . 24.77 26.37 -26.93
O4 MAN F . 24.29 23.48 -27.27
O5 MAN F . 27.84 23.95 -28.22
O6 MAN F . 27.12 22.83 -30.26
ZN ZN G . -5.28 -5.99 3.95
ZN ZN H . -6.67 -3.93 1.27
CA CA I . 3.64 -12.57 -13.45
CL CL J . -6.77 3.32 -1.28
C1 NAG K . 26.29 -15.66 15.82
C2 NAG K . 27.62 -15.31 15.14
C3 NAG K . 27.79 -16.33 14.01
C4 NAG K . 28.07 -17.68 14.68
C5 NAG K . 26.88 -18.13 15.53
C6 NAG K . 27.35 -19.21 16.51
C7 NAG K . 28.26 -12.94 15.44
C8 NAG K . 28.25 -11.56 14.84
N2 NAG K . 27.71 -13.92 14.71
O3 NAG K . 28.83 -15.97 13.15
O4 NAG K . 28.41 -18.68 13.73
O5 NAG K . 26.24 -17.05 16.24
O6 NAG K . 26.28 -20.02 16.95
O7 NAG K . 28.74 -13.10 16.58
C1 NAG L . -15.52 8.63 15.73
C2 NAG L . -14.39 7.90 16.48
C3 NAG L . -14.40 8.15 18.01
C4 NAG L . -14.51 9.66 18.33
C5 NAG L . -15.62 10.30 17.46
C6 NAG L . -15.73 11.82 17.66
C7 NAG L . -13.45 5.82 15.53
C8 NAG L . -13.62 4.37 15.20
N2 NAG L . -14.45 6.49 16.11
O3 NAG L . -13.18 7.71 18.58
O4 NAG L . -14.71 9.93 19.74
O5 NAG L . -15.46 10.00 16.07
O6 NAG L . -14.44 12.43 17.60
O7 NAG L . -12.39 6.33 15.28
CBH CTW M . 0.82 6.58 7.64
OAF CTW M . 0.62 5.77 8.55
CBJ CTW M . -0.01 7.71 7.45
CAP CTW M . -1.09 7.92 8.34
CAN CTW M . -1.96 9.03 8.23
CBI CTW M . -1.74 9.99 7.22
FAM CTW M . -2.74 11.25 7.12
CAO CTW M . -0.67 9.81 6.32
CAQ CTW M . 0.18 8.69 6.43
NAZ CTW M . 1.91 6.46 6.85
CBL CTW M . 2.87 5.32 6.97
CBE CTW M . 4.33 5.75 6.64
OAC CTW M . 5.24 5.24 7.36
CAX CTW M . 2.49 4.18 5.98
CAU CTW M . 1.12 3.63 6.31
CBG CTW M . 0.51 3.04 5.05
OAE CTW M . 0.45 3.68 3.99
OAJ CTW M . 4.49 6.54 5.67
PBN CTW M . -3.60 -4.05 2.47
OAL CTW M . -3.67 -4.84 3.86
OAG CTW M . -4.80 -4.17 1.64
OBB CTW M . -3.37 -2.54 2.70
CAS CTW M . -2.30 -2.11 3.56
CAR CTW M . -1.91 -0.69 3.28
CB CTW M . -1.22 -0.14 4.56
CA CTW M . -0.70 1.19 4.14
C CTW M . -1.93 2.14 3.89
OXT CTW M . -2.12 2.49 2.70
O CTW M . -2.59 2.53 4.87
N CTW M . 0.03 1.80 5.22
NBA CTW M . -2.24 -4.66 1.67
CBM CTW M . -1.74 -5.99 2.09
CBF CTW M . -0.96 -5.90 3.42
OAK CTW M . -0.85 -6.97 4.07
CAW CTW M . -0.78 -6.58 0.99
CAT CTW M . 0.37 -5.55 0.69
CBC CTW M . 1.52 -6.17 -0.18
OAA CTW M . 1.60 -7.40 -0.29
OAH CTW M . 2.32 -5.39 -0.74
OAD CTW M . -0.46 -4.77 3.75
#